data_1H9U
#
_entry.id   1H9U
#
_cell.length_a   123.886
_cell.length_b   106.882
_cell.length_c   100.587
_cell.angle_alpha   90.00
_cell.angle_beta   122.56
_cell.angle_gamma   90.00
#
_symmetry.space_group_name_H-M   'C 1 2 1'
#
loop_
_entity.id
_entity.type
_entity.pdbx_description
1 polymer 'RETINOID X RECEPTOR, BETA'
2 non-polymer '6-[1-(3,5,5,8,8-PENTAMETHYL-5,6,7,8-TETRAHYDRONAPHTHALEN-2-YL)CYCLOPROPYL]PYRIDINE-3-CARBOXYLIC ACID'
3 non-polymer 'NICKEL (II) ION'
4 non-polymer 'CHLORIDE ION'
5 water water
#
_entity_poly.entity_id   1
_entity_poly.type   'polypeptide(L)'
_entity_poly.pdbx_seq_one_letter_code
;MPVDRILEAELAVEQKSDQGVEGPGGTGGSGSSPNDPVTNICQAADKQLFTLVEWAKRIPHFSSLPLDDQVILLRAGWNE
LLIASFSHRSIDVRDGILLATGLHVHRNSAHSAGVGAIFDRVLTELVSKMRDMRMDKTELGCLRAIILFNPDAKGLSNPS
EVEVLREKVYASLETYCKQKYPEQQGRFAKLLLRLPALRSIGLKCLEHLFFFKLIGDTPIDTFL
;
_entity_poly.pdbx_strand_id   A,B,C,D
#
loop_
_chem_comp.id
_chem_comp.type
_chem_comp.name
_chem_comp.formula
CL non-polymer 'CHLORIDE ION' 'Cl -1'
LG2 non-polymer '6-[1-(3,5,5,8,8-PENTAMETHYL-5,6,7,8-TETRAHYDRONAPHTHALEN-2-YL)CYCLOPROPYL]PYRIDINE-3-CARBOXYLIC ACID' 'C24 H29 N O2'
NI non-polymer 'NICKEL (II) ION' 'Ni 2'
#
# COMPACT_ATOMS: atom_id res chain seq x y z
N MET A 1 30.16 0.40 12.58
CA MET A 1 29.50 -0.53 11.65
C MET A 1 30.18 -1.87 11.53
N PRO A 2 30.20 -2.67 12.62
CA PRO A 2 30.84 -3.98 12.49
C PRO A 2 30.00 -4.79 11.51
N VAL A 3 30.62 -5.34 10.46
CA VAL A 3 29.87 -6.11 9.48
C VAL A 3 29.22 -7.35 10.09
N ASP A 4 29.85 -7.83 11.14
CA ASP A 4 29.39 -8.99 11.86
C ASP A 4 28.01 -8.77 12.47
N ARG A 5 27.80 -7.62 13.08
CA ARG A 5 26.51 -7.34 13.69
C ARG A 5 25.42 -7.29 12.63
N ILE A 6 25.81 -6.97 11.39
CA ILE A 6 24.86 -6.90 10.29
C ILE A 6 24.46 -8.32 9.86
N LEU A 7 25.46 -9.16 9.63
CA LEU A 7 25.22 -10.54 9.23
C LEU A 7 24.26 -11.18 10.23
N GLU A 8 24.43 -10.81 11.49
CA GLU A 8 23.62 -11.31 12.59
C GLU A 8 22.16 -10.92 12.40
N ALA A 9 21.94 -9.69 11.94
CA ALA A 9 20.60 -9.16 11.74
C ALA A 9 19.90 -9.95 10.65
N GLU A 10 20.64 -10.27 9.59
CA GLU A 10 20.08 -11.04 8.48
C GLU A 10 19.64 -12.41 9.01
N LEU A 11 20.59 -13.12 9.61
CA LEU A 11 20.32 -14.44 10.16
C LEU A 11 19.13 -14.41 11.10
N ALA A 12 19.01 -13.33 11.87
CA ALA A 12 17.92 -13.17 12.83
C ALA A 12 16.53 -13.36 12.22
N VAL A 13 16.44 -13.29 10.89
CA VAL A 13 15.16 -13.47 10.18
C VAL A 13 15.17 -14.69 9.26
N PRO A 37 0.00 -16.98 -8.57
CA PRO A 37 1.29 -16.55 -7.99
C PRO A 37 1.35 -15.15 -7.35
N VAL A 38 0.50 -14.24 -7.83
CA VAL A 38 0.52 -12.89 -7.28
C VAL A 38 0.00 -12.89 -5.84
N THR A 39 -1.02 -13.71 -5.56
CA THR A 39 -1.58 -13.77 -4.22
C THR A 39 -0.53 -14.35 -3.26
N ASN A 40 0.20 -15.33 -3.75
CA ASN A 40 1.24 -15.97 -2.95
C ASN A 40 2.41 -15.03 -2.73
N ILE A 41 2.79 -14.30 -3.76
CA ILE A 41 3.91 -13.37 -3.65
C ILE A 41 3.61 -12.23 -2.65
N CYS A 42 2.43 -11.66 -2.73
CA CYS A 42 2.03 -10.60 -1.82
C CYS A 42 1.95 -11.10 -0.36
N GLN A 43 1.49 -12.32 -0.15
CA GLN A 43 1.41 -12.82 1.21
C GLN A 43 2.82 -13.02 1.71
N ALA A 44 3.71 -13.37 0.81
CA ALA A 44 5.10 -13.58 1.15
C ALA A 44 5.68 -12.24 1.59
N ALA A 45 5.45 -11.20 0.79
CA ALA A 45 5.97 -9.88 1.13
C ALA A 45 5.43 -9.52 2.50
N ASP A 46 4.16 -9.83 2.71
CA ASP A 46 3.54 -9.52 3.99
C ASP A 46 4.34 -10.14 5.12
N LYS A 47 4.53 -11.45 5.06
CA LYS A 47 5.27 -12.14 6.10
C LYS A 47 6.56 -11.42 6.39
N GLN A 48 7.24 -10.97 5.34
CA GLN A 48 8.50 -10.28 5.52
C GLN A 48 8.39 -8.89 6.17
N LEU A 49 7.27 -8.20 5.93
CA LEU A 49 7.09 -6.87 6.51
C LEU A 49 6.80 -6.98 8.00
N PHE A 50 6.14 -8.08 8.35
CA PHE A 50 5.77 -8.34 9.74
C PHE A 50 6.95 -8.26 10.73
N THR A 51 8.16 -8.44 10.23
CA THR A 51 9.37 -8.42 11.07
C THR A 51 10.49 -7.54 10.52
N LEU A 52 10.17 -6.66 9.58
CA LEU A 52 11.18 -5.79 8.98
C LEU A 52 11.72 -4.77 9.96
N VAL A 53 10.85 -4.26 10.84
CA VAL A 53 11.28 -3.29 11.84
C VAL A 53 12.29 -3.97 12.75
N GLU A 54 12.03 -5.24 13.07
CA GLU A 54 12.93 -6.03 13.91
C GLU A 54 14.32 -6.06 13.28
N TRP A 55 14.37 -6.39 12.00
CA TRP A 55 15.64 -6.45 11.27
C TRP A 55 16.35 -5.11 11.32
N ALA A 56 15.60 -4.03 11.06
CA ALA A 56 16.19 -2.70 11.07
C ALA A 56 16.81 -2.36 12.42
N LYS A 57 16.05 -2.64 13.47
CA LYS A 57 16.46 -2.41 14.86
C LYS A 57 17.79 -3.10 15.20
N ARG A 58 18.17 -4.09 14.39
CA ARG A 58 19.42 -4.82 14.60
C ARG A 58 20.61 -4.18 13.90
N ILE A 59 20.38 -3.22 13.02
CA ILE A 59 21.50 -2.60 12.35
C ILE A 59 22.14 -1.61 13.32
N PRO A 60 23.47 -1.72 13.51
CA PRO A 60 24.27 -0.87 14.40
C PRO A 60 23.71 0.42 15.00
N HIS A 61 23.51 1.47 14.20
CA HIS A 61 23.03 2.72 14.80
C HIS A 61 21.63 3.16 14.37
N PHE A 62 20.90 2.28 13.70
CA PHE A 62 19.56 2.63 13.24
C PHE A 62 18.64 3.09 14.37
N SER A 63 18.71 2.39 15.50
CA SER A 63 17.86 2.71 16.64
C SER A 63 18.10 4.08 17.26
N SER A 64 19.29 4.64 17.03
CA SER A 64 19.62 5.94 17.59
C SER A 64 19.09 7.10 16.77
N LEU A 65 18.68 6.84 15.52
CA LEU A 65 18.15 7.89 14.66
C LEU A 65 16.77 8.26 15.19
N PRO A 66 16.38 9.53 15.05
CA PRO A 66 15.05 9.96 15.54
C PRO A 66 14.02 8.94 15.08
N LEU A 67 13.02 8.65 15.90
CA LEU A 67 11.98 7.69 15.52
C LEU A 67 11.38 8.06 14.17
N ASP A 68 11.14 9.35 13.96
CA ASP A 68 10.56 9.84 12.70
C ASP A 68 11.46 9.55 11.51
N ASP A 69 12.77 9.64 11.71
CA ASP A 69 13.72 9.36 10.63
C ASP A 69 13.73 7.86 10.36
N GLN A 70 13.40 7.08 11.39
CA GLN A 70 13.37 5.63 11.25
C GLN A 70 12.20 5.16 10.39
N VAL A 71 11.01 5.69 10.63
CA VAL A 71 9.85 5.29 9.84
C VAL A 71 10.12 5.72 8.39
N ILE A 72 10.59 6.94 8.23
CA ILE A 72 10.88 7.46 6.90
C ILE A 72 11.84 6.56 6.13
N LEU A 73 12.92 6.12 6.77
CA LEU A 73 13.88 5.25 6.09
C LEU A 73 13.25 3.93 5.68
N LEU A 74 12.43 3.37 6.55
CA LEU A 74 11.78 2.11 6.26
C LEU A 74 10.73 2.23 5.15
N ARG A 75 9.99 3.35 5.17
CA ARG A 75 8.94 3.60 4.17
C ARG A 75 9.55 3.68 2.77
N ALA A 76 10.72 4.29 2.69
CA ALA A 76 11.40 4.48 1.42
C ALA A 76 12.14 3.25 0.92
N GLY A 77 12.60 2.40 1.82
CA GLY A 77 13.35 1.24 1.37
C GLY A 77 12.76 -0.13 1.49
N TRP A 78 11.56 -0.24 2.07
CA TRP A 78 10.94 -1.54 2.27
C TRP A 78 10.92 -2.51 1.08
N ASN A 79 10.55 -2.06 -0.11
CA ASN A 79 10.49 -3.03 -1.20
C ASN A 79 11.84 -3.37 -1.82
N GLU A 80 12.75 -2.40 -1.92
CA GLU A 80 14.08 -2.71 -2.46
C GLU A 80 14.67 -3.71 -1.49
N LEU A 81 14.54 -3.43 -0.19
CA LEU A 81 15.06 -4.30 0.85
C LEU A 81 14.53 -5.72 0.61
N LEU A 82 13.21 -5.86 0.60
CA LEU A 82 12.63 -7.19 0.41
C LEU A 82 13.04 -7.84 -0.92
N ILE A 83 13.06 -7.05 -1.98
CA ILE A 83 13.45 -7.57 -3.29
C ILE A 83 14.88 -8.11 -3.24
N ALA A 84 15.72 -7.53 -2.40
CA ALA A 84 17.12 -7.97 -2.26
C ALA A 84 17.18 -9.28 -1.47
N SER A 85 16.31 -9.37 -0.47
CA SER A 85 16.25 -10.53 0.38
C SER A 85 15.76 -11.76 -0.41
N PHE A 86 14.59 -11.67 -1.04
CA PHE A 86 14.09 -12.82 -1.78
C PHE A 86 14.97 -13.15 -2.97
N SER A 87 15.60 -12.16 -3.57
CA SER A 87 16.46 -12.43 -4.72
C SER A 87 17.59 -13.36 -4.29
N HIS A 88 18.31 -12.93 -3.26
CA HIS A 88 19.44 -13.71 -2.73
C HIS A 88 18.99 -15.10 -2.32
N ARG A 89 17.92 -15.17 -1.54
CA ARG A 89 17.38 -16.45 -1.08
C ARG A 89 17.06 -17.39 -2.27
N SER A 90 16.88 -16.82 -3.46
CA SER A 90 16.54 -17.65 -4.62
C SER A 90 17.69 -18.13 -5.49
N ILE A 91 18.93 -17.94 -5.02
CA ILE A 91 20.09 -18.33 -5.80
C ILE A 91 20.14 -19.79 -6.28
N ASP A 92 19.48 -20.69 -5.56
CA ASP A 92 19.52 -22.09 -5.95
C ASP A 92 18.16 -22.58 -6.48
N VAL A 93 17.39 -21.69 -7.09
CA VAL A 93 16.12 -22.10 -7.63
C VAL A 93 16.17 -22.11 -9.14
N ARG A 94 15.69 -23.20 -9.74
CA ARG A 94 15.68 -23.33 -11.19
C ARG A 94 14.70 -22.33 -11.77
N ASP A 95 15.22 -21.35 -12.51
CA ASP A 95 14.39 -20.31 -13.13
C ASP A 95 13.19 -19.93 -12.27
N GLY A 96 13.46 -19.46 -11.06
CA GLY A 96 12.36 -19.12 -10.19
C GLY A 96 12.78 -18.33 -8.98
N ILE A 97 11.79 -18.08 -8.14
CA ILE A 97 11.98 -17.30 -6.93
C ILE A 97 11.53 -18.15 -5.75
N LEU A 98 12.25 -18.03 -4.62
CA LEU A 98 11.91 -18.76 -3.40
C LEU A 98 11.32 -17.79 -2.41
N LEU A 99 9.99 -17.76 -2.35
CA LEU A 99 9.27 -16.89 -1.44
C LEU A 99 9.65 -17.11 0.02
N ALA A 100 9.42 -16.08 0.84
CA ALA A 100 9.72 -16.15 2.27
C ALA A 100 8.74 -17.15 2.90
N THR A 101 7.79 -17.59 2.09
CA THR A 101 6.77 -18.50 2.53
C THR A 101 7.12 -19.97 2.30
N GLY A 102 8.24 -20.20 1.62
CA GLY A 102 8.64 -21.57 1.34
C GLY A 102 8.26 -22.00 -0.05
N LEU A 103 7.19 -21.45 -0.59
CA LEU A 103 6.73 -21.77 -1.95
C LEU A 103 7.65 -21.22 -3.04
N HIS A 104 7.52 -21.80 -4.23
CA HIS A 104 8.29 -21.38 -5.40
C HIS A 104 7.36 -20.67 -6.36
N VAL A 105 7.93 -19.90 -7.28
CA VAL A 105 7.17 -19.22 -8.33
C VAL A 105 8.17 -19.31 -9.45
N HIS A 106 7.79 -19.99 -10.52
CA HIS A 106 8.71 -20.14 -11.63
C HIS A 106 8.39 -19.24 -12.81
N ARG A 107 9.42 -18.93 -13.59
CA ARG A 107 9.29 -18.07 -14.75
C ARG A 107 7.99 -18.24 -15.50
N ASN A 108 7.50 -19.48 -15.58
CA ASN A 108 6.26 -19.74 -16.30
C ASN A 108 5.02 -19.18 -15.64
N SER A 109 4.84 -19.44 -14.35
CA SER A 109 3.67 -18.93 -13.62
C SER A 109 3.66 -17.40 -13.70
N ALA A 110 4.83 -16.80 -13.52
CA ALA A 110 4.95 -15.35 -13.56
C ALA A 110 4.45 -14.80 -14.90
N HIS A 111 4.92 -15.38 -16.00
CA HIS A 111 4.48 -14.91 -17.30
C HIS A 111 2.97 -15.09 -17.43
N SER A 112 2.51 -16.25 -17.00
CA SER A 112 1.08 -16.53 -17.07
C SER A 112 0.29 -15.53 -16.23
N ALA A 113 0.90 -15.03 -15.16
CA ALA A 113 0.22 -14.09 -14.28
C ALA A 113 0.30 -12.64 -14.75
N GLY A 114 1.04 -12.40 -15.83
CA GLY A 114 1.15 -11.06 -16.35
C GLY A 114 2.31 -10.25 -15.79
N VAL A 115 3.13 -10.87 -14.97
CA VAL A 115 4.28 -10.17 -14.38
C VAL A 115 5.58 -10.76 -14.94
N GLY A 116 5.51 -11.19 -16.20
CA GLY A 116 6.66 -11.79 -16.85
C GLY A 116 7.88 -10.92 -17.04
N ALA A 117 7.69 -9.76 -17.65
CA ALA A 117 8.81 -8.87 -17.90
C ALA A 117 9.64 -8.50 -16.67
N ILE A 118 8.99 -8.08 -15.60
CA ILE A 118 9.73 -7.70 -14.40
C ILE A 118 10.32 -8.93 -13.72
N PHE A 119 9.61 -10.04 -13.81
CA PHE A 119 10.08 -11.27 -13.21
C PHE A 119 11.39 -11.65 -13.86
N ASP A 120 11.52 -11.42 -15.16
CA ASP A 120 12.76 -11.74 -15.87
C ASP A 120 13.89 -10.82 -15.43
N ARG A 121 13.54 -9.58 -15.06
CA ARG A 121 14.55 -8.64 -14.61
C ARG A 121 15.09 -9.14 -13.28
N VAL A 122 14.20 -9.64 -12.45
CA VAL A 122 14.61 -10.18 -11.17
C VAL A 122 15.67 -11.28 -11.36
N LEU A 123 15.31 -12.29 -12.14
CA LEU A 123 16.22 -13.41 -12.40
C LEU A 123 17.53 -13.00 -13.10
N THR A 124 17.38 -12.22 -14.17
CA THR A 124 18.53 -11.76 -14.95
C THR A 124 19.43 -10.77 -14.25
N GLU A 125 18.84 -9.69 -13.76
CA GLU A 125 19.59 -8.64 -13.10
C GLU A 125 19.97 -8.88 -11.65
N LEU A 126 19.17 -9.62 -10.89
CA LEU A 126 19.47 -9.83 -9.47
C LEU A 126 19.89 -11.24 -9.09
N VAL A 127 18.96 -12.18 -9.22
CA VAL A 127 19.23 -13.58 -8.86
C VAL A 127 20.46 -14.19 -9.52
N SER A 128 20.44 -14.32 -10.84
CA SER A 128 21.54 -14.92 -11.57
C SER A 128 22.85 -14.20 -11.32
N LYS A 129 22.84 -12.88 -11.26
CA LYS A 129 24.07 -12.16 -11.03
C LYS A 129 24.54 -12.28 -9.58
N MET A 130 23.62 -12.47 -8.65
CA MET A 130 24.05 -12.66 -7.26
C MET A 130 24.61 -14.06 -7.17
N ARG A 131 24.12 -14.97 -8.01
CA ARG A 131 24.57 -16.36 -8.03
C ARG A 131 25.96 -16.53 -8.63
N ASP A 132 26.24 -15.84 -9.73
CA ASP A 132 27.55 -15.96 -10.37
C ASP A 132 28.67 -15.44 -9.47
N MET A 133 28.41 -14.35 -8.74
CA MET A 133 29.40 -13.75 -7.84
C MET A 133 29.54 -14.57 -6.56
N ARG A 134 28.56 -15.41 -6.28
CA ARG A 134 28.55 -16.20 -5.06
C ARG A 134 28.49 -15.16 -3.94
N MET A 135 27.54 -14.25 -4.07
CA MET A 135 27.33 -13.16 -3.10
C MET A 135 26.91 -13.70 -1.73
N ASP A 136 27.77 -13.54 -0.72
CA ASP A 136 27.43 -14.05 0.62
C ASP A 136 26.48 -13.17 1.43
N LYS A 137 25.94 -13.74 2.51
CA LYS A 137 24.99 -13.05 3.39
C LYS A 137 25.54 -11.74 3.95
N THR A 138 26.78 -11.78 4.41
CA THR A 138 27.43 -10.60 4.93
C THR A 138 27.33 -9.47 3.91
N GLU A 139 27.65 -9.78 2.67
CA GLU A 139 27.60 -8.80 1.58
C GLU A 139 26.16 -8.34 1.30
N LEU A 140 25.23 -9.28 1.33
CA LEU A 140 23.82 -8.96 1.11
C LEU A 140 23.37 -7.99 2.18
N GLY A 141 23.55 -8.37 3.45
CA GLY A 141 23.15 -7.54 4.58
C GLY A 141 23.65 -6.11 4.43
N CYS A 142 24.91 -5.98 4.03
CA CYS A 142 25.49 -4.66 3.85
C CYS A 142 24.71 -3.89 2.81
N LEU A 143 24.59 -4.45 1.61
CA LEU A 143 23.84 -3.78 0.55
C LEU A 143 22.50 -3.34 1.16
N ARG A 144 21.82 -4.22 1.89
CA ARG A 144 20.56 -3.87 2.54
C ARG A 144 20.77 -2.67 3.47
N ALA A 145 21.65 -2.85 4.44
CA ALA A 145 21.97 -1.79 5.39
C ALA A 145 22.17 -0.46 4.64
N ILE A 146 22.87 -0.52 3.51
CA ILE A 146 23.14 0.65 2.69
C ILE A 146 21.85 1.25 2.14
N ILE A 147 20.99 0.43 1.53
CA ILE A 147 19.75 0.95 1.00
C ILE A 147 18.92 1.52 2.15
N LEU A 148 19.02 0.91 3.33
CA LEU A 148 18.29 1.39 4.51
C LEU A 148 18.70 2.81 4.87
N PHE A 149 20.00 3.06 4.94
CA PHE A 149 20.52 4.39 5.25
C PHE A 149 20.57 5.18 3.98
N ASN A 150 19.39 5.60 3.53
CA ASN A 150 19.26 6.39 2.30
C ASN A 150 19.02 7.86 2.59
N PRO A 151 20.04 8.69 2.35
CA PRO A 151 19.97 10.13 2.59
C PRO A 151 18.97 10.84 1.68
N ASP A 152 18.59 10.21 0.58
CA ASP A 152 17.64 10.82 -0.32
C ASP A 152 16.23 10.65 0.20
N ALA A 153 16.06 9.90 1.29
CA ALA A 153 14.73 9.69 1.86
C ALA A 153 14.10 11.05 2.20
N LYS A 154 12.94 11.32 1.62
CA LYS A 154 12.27 12.60 1.84
C LYS A 154 11.77 12.83 3.25
N GLY A 155 12.09 14.00 3.79
CA GLY A 155 11.64 14.38 5.12
C GLY A 155 12.52 13.97 6.31
N LEU A 156 13.71 13.46 6.06
CA LEU A 156 14.58 13.07 7.16
C LEU A 156 14.97 14.35 7.93
N SER A 157 15.06 14.24 9.24
CA SER A 157 15.42 15.40 10.05
C SER A 157 16.89 15.72 9.77
N ASN A 158 17.76 14.76 10.01
CA ASN A 158 19.16 15.00 9.77
C ASN A 158 19.72 14.05 8.74
N PRO A 159 19.71 14.48 7.46
CA PRO A 159 20.22 13.68 6.35
C PRO A 159 21.72 13.39 6.38
N SER A 160 22.50 14.40 6.77
CA SER A 160 23.96 14.25 6.83
C SER A 160 24.26 13.07 7.76
N GLU A 161 23.48 12.98 8.83
CA GLU A 161 23.61 11.92 9.81
C GLU A 161 23.46 10.59 9.10
N VAL A 162 22.36 10.44 8.37
CA VAL A 162 22.08 9.22 7.62
C VAL A 162 23.19 8.97 6.61
N GLU A 163 23.60 10.01 5.89
CA GLU A 163 24.67 9.84 4.92
C GLU A 163 25.89 9.22 5.62
N VAL A 164 26.24 9.76 6.78
CA VAL A 164 27.40 9.26 7.53
C VAL A 164 27.30 7.78 7.86
N LEU A 165 26.11 7.33 8.25
CA LEU A 165 25.93 5.93 8.58
C LEU A 165 26.06 4.99 7.37
N ARG A 166 25.71 5.46 6.17
CA ARG A 166 25.83 4.57 5.03
C ARG A 166 27.27 4.49 4.55
N GLU A 167 28.02 5.59 4.64
CA GLU A 167 29.41 5.54 4.22
C GLU A 167 30.24 4.68 5.17
N LYS A 168 29.71 4.49 6.37
CA LYS A 168 30.36 3.66 7.36
C LYS A 168 30.14 2.21 6.94
N VAL A 169 28.91 1.91 6.54
CA VAL A 169 28.54 0.56 6.12
C VAL A 169 29.36 0.13 4.92
N TYR A 170 29.43 0.97 3.88
CA TYR A 170 30.20 0.58 2.70
C TYR A 170 31.70 0.67 2.93
N ALA A 171 32.09 1.23 4.06
CA ALA A 171 33.51 1.29 4.41
C ALA A 171 33.84 -0.11 4.95
N SER A 172 33.05 -0.55 5.93
CA SER A 172 33.27 -1.88 6.48
C SER A 172 33.15 -2.90 5.36
N LEU A 173 32.13 -2.70 4.50
CA LEU A 173 31.86 -3.59 3.39
C LEU A 173 33.03 -3.74 2.43
N GLU A 174 33.65 -2.62 2.06
CA GLU A 174 34.80 -2.65 1.16
C GLU A 174 35.95 -3.40 1.86
N THR A 175 36.12 -3.15 3.15
CA THR A 175 37.18 -3.81 3.93
C THR A 175 36.96 -5.31 3.91
N TYR A 176 35.75 -5.71 4.28
CA TYR A 176 35.37 -7.11 4.28
C TYR A 176 35.71 -7.74 2.93
N CYS A 177 35.26 -7.12 1.84
CA CYS A 177 35.54 -7.63 0.50
C CYS A 177 37.03 -7.75 0.20
N LYS A 178 37.83 -6.89 0.79
CA LYS A 178 39.26 -6.94 0.55
C LYS A 178 39.86 -8.13 1.31
N GLN A 179 39.34 -8.37 2.51
CA GLN A 179 39.83 -9.48 3.34
C GLN A 179 39.44 -10.83 2.77
N LYS A 180 38.14 -11.10 2.67
CA LYS A 180 37.67 -12.39 2.18
C LYS A 180 37.93 -12.67 0.72
N TYR A 181 37.94 -11.63 -0.12
CA TYR A 181 38.18 -11.86 -1.53
C TYR A 181 39.29 -11.01 -2.12
N PRO A 182 40.52 -11.16 -1.60
CA PRO A 182 41.69 -10.41 -2.07
C PRO A 182 41.99 -10.57 -3.56
N GLU A 183 41.72 -11.76 -4.11
CA GLU A 183 41.97 -11.98 -5.53
C GLU A 183 41.03 -11.13 -6.40
N GLN A 184 39.83 -10.85 -5.88
CA GLN A 184 38.80 -10.04 -6.56
C GLN A 184 38.83 -8.60 -6.01
N GLN A 185 39.57 -7.72 -6.67
CA GLN A 185 39.69 -6.33 -6.24
C GLN A 185 38.54 -5.44 -6.65
N GLY A 186 37.81 -5.84 -7.70
CA GLY A 186 36.70 -5.05 -8.18
C GLY A 186 35.34 -5.45 -7.63
N ARG A 187 35.31 -6.45 -6.75
CA ARG A 187 34.07 -6.96 -6.17
C ARG A 187 33.26 -5.91 -5.42
N PHE A 188 33.93 -5.06 -4.66
CA PHE A 188 33.24 -4.02 -3.90
C PHE A 188 32.39 -3.18 -4.83
N ALA A 189 33.02 -2.62 -5.87
CA ALA A 189 32.30 -1.79 -6.83
C ALA A 189 31.18 -2.63 -7.42
N LYS A 190 31.58 -3.77 -7.98
CA LYS A 190 30.64 -4.69 -8.60
C LYS A 190 29.41 -4.85 -7.71
N LEU A 191 29.59 -4.96 -6.40
CA LEU A 191 28.45 -5.13 -5.52
C LEU A 191 27.58 -3.89 -5.55
N LEU A 192 28.19 -2.74 -5.37
CA LEU A 192 27.46 -1.48 -5.34
C LEU A 192 26.66 -1.28 -6.64
N LEU A 193 27.23 -1.74 -7.75
CA LEU A 193 26.59 -1.59 -9.05
C LEU A 193 25.31 -2.42 -9.25
N ARG A 194 24.88 -3.11 -8.21
CA ARG A 194 23.65 -3.88 -8.26
C ARG A 194 22.56 -3.04 -7.65
N LEU A 195 22.93 -1.95 -7.00
CA LEU A 195 21.93 -1.07 -6.38
C LEU A 195 21.01 -0.37 -7.39
N PRO A 196 21.56 0.11 -8.52
CA PRO A 196 20.65 0.77 -9.45
C PRO A 196 19.62 -0.20 -10.02
N ALA A 197 20.01 -1.45 -10.17
CA ALA A 197 19.08 -2.46 -10.67
C ALA A 197 17.98 -2.68 -9.65
N LEU A 198 18.33 -2.64 -8.37
CA LEU A 198 17.33 -2.82 -7.32
C LEU A 198 16.40 -1.60 -7.32
N ARG A 199 16.96 -0.44 -7.62
CA ARG A 199 16.18 0.79 -7.64
C ARG A 199 15.09 0.66 -8.72
N SER A 200 15.50 0.48 -9.97
CA SER A 200 14.52 0.35 -11.04
C SER A 200 13.54 -0.79 -10.82
N ILE A 201 14.04 -1.99 -10.56
CA ILE A 201 13.12 -3.10 -10.34
C ILE A 201 12.09 -2.74 -9.27
N GLY A 202 12.55 -2.12 -8.20
CA GLY A 202 11.67 -1.71 -7.12
C GLY A 202 10.53 -0.81 -7.58
N LEU A 203 10.87 0.25 -8.33
CA LEU A 203 9.84 1.16 -8.83
C LEU A 203 8.86 0.38 -9.67
N LYS A 204 9.38 -0.50 -10.51
CA LYS A 204 8.52 -1.31 -11.35
C LYS A 204 7.61 -2.15 -10.49
N CYS A 205 8.18 -2.75 -9.44
CA CYS A 205 7.41 -3.60 -8.54
C CYS A 205 6.18 -2.84 -8.01
N LEU A 206 6.43 -1.66 -7.42
CA LEU A 206 5.33 -0.87 -6.88
C LEU A 206 4.26 -0.54 -7.93
N GLU A 207 4.69 -0.30 -9.16
CA GLU A 207 3.73 0.00 -10.23
C GLU A 207 2.80 -1.20 -10.46
N HIS A 208 3.37 -2.40 -10.63
CA HIS A 208 2.54 -3.58 -10.81
C HIS A 208 1.64 -3.77 -9.59
N LEU A 209 2.19 -3.52 -8.40
CA LEU A 209 1.43 -3.65 -7.15
C LEU A 209 0.17 -2.78 -7.16
N PHE A 210 0.30 -1.57 -7.67
CA PHE A 210 -0.85 -0.67 -7.75
C PHE A 210 -1.89 -1.34 -8.62
N PHE A 211 -1.48 -1.65 -9.85
CA PHE A 211 -2.35 -2.28 -10.82
C PHE A 211 -3.16 -3.43 -10.27
N PHE A 212 -2.49 -4.43 -9.69
CA PHE A 212 -3.21 -5.57 -9.15
C PHE A 212 -4.11 -5.18 -7.98
N LYS A 213 -3.68 -4.18 -7.22
CA LYS A 213 -4.45 -3.68 -6.09
C LYS A 213 -5.66 -2.95 -6.63
N LEU A 214 -5.52 -2.39 -7.82
CA LEU A 214 -6.61 -1.64 -8.46
C LEU A 214 -7.66 -2.56 -9.07
N ILE A 215 -7.23 -3.62 -9.74
CA ILE A 215 -8.17 -4.55 -10.37
C ILE A 215 -8.55 -5.77 -9.52
N GLY A 216 -7.90 -5.94 -8.38
CA GLY A 216 -8.19 -7.05 -7.50
C GLY A 216 -9.65 -7.16 -7.06
N ASP A 217 -10.10 -8.40 -6.90
CA ASP A 217 -11.47 -8.69 -6.49
C ASP A 217 -12.58 -7.91 -7.20
N THR A 218 -12.35 -7.54 -8.45
CA THR A 218 -13.38 -6.86 -9.25
C THR A 218 -13.55 -7.78 -10.46
N PRO A 219 -14.72 -7.74 -11.10
CA PRO A 219 -14.87 -8.63 -12.27
C PRO A 219 -13.71 -8.47 -13.27
N ILE A 220 -13.03 -7.33 -13.18
CA ILE A 220 -11.87 -7.02 -14.02
C ILE A 220 -10.81 -8.11 -13.85
N ASP A 221 -10.53 -8.46 -12.59
CA ASP A 221 -9.53 -9.48 -12.31
C ASP A 221 -9.94 -10.85 -12.83
N THR A 222 -11.21 -11.19 -12.66
CA THR A 222 -11.70 -12.47 -13.13
C THR A 222 -11.38 -12.56 -14.59
N PHE A 223 -11.63 -11.49 -15.30
CA PHE A 223 -11.28 -11.47 -16.71
C PHE A 223 -9.85 -12.06 -16.78
N LEU A 224 -8.86 -11.18 -16.65
CA LEU A 224 -7.47 -11.59 -16.73
C LEU A 224 -7.05 -12.65 -15.69
N MET B 1 41.29 1.67 -21.47
CA MET B 1 40.29 2.41 -20.70
C MET B 1 40.89 3.58 -19.92
N PRO B 2 41.66 4.45 -20.59
CA PRO B 2 42.27 5.62 -19.94
C PRO B 2 41.22 6.67 -19.64
N VAL B 3 41.18 7.15 -18.40
CA VAL B 3 40.18 8.15 -18.03
C VAL B 3 40.32 9.42 -18.86
N ASP B 4 41.53 9.68 -19.32
CA ASP B 4 41.82 10.86 -20.13
C ASP B 4 40.96 10.88 -21.38
N ARG B 5 40.93 9.76 -22.08
CA ARG B 5 40.17 9.68 -23.32
C ARG B 5 38.69 9.92 -23.09
N ILE B 6 38.22 9.61 -21.88
CA ILE B 6 36.83 9.78 -21.48
C ILE B 6 36.56 11.27 -21.35
N LEU B 7 37.37 11.90 -20.53
CA LEU B 7 37.30 13.33 -20.26
C LEU B 7 37.24 14.10 -21.59
N GLU B 8 38.03 13.65 -22.56
CA GLU B 8 38.10 14.27 -23.88
C GLU B 8 36.75 14.14 -24.62
N ALA B 9 36.07 13.02 -24.42
CA ALA B 9 34.79 12.77 -25.07
C ALA B 9 33.76 13.76 -24.53
N GLU B 10 33.80 14.00 -23.23
CA GLU B 10 32.88 14.93 -22.60
C GLU B 10 33.11 16.32 -23.21
N LEU B 11 34.35 16.78 -23.10
CA LEU B 11 34.71 18.09 -23.62
C LEU B 11 34.29 18.23 -25.08
N ALA B 12 34.41 17.13 -25.83
CA ALA B 12 34.08 17.14 -27.25
C ALA B 12 32.67 17.64 -27.56
N VAL B 13 31.81 17.67 -26.53
CA VAL B 13 30.43 18.15 -26.69
C VAL B 13 30.16 19.40 -25.85
N PRO B 37 8.35 25.88 -19.94
CA PRO B 37 9.61 25.16 -19.69
C PRO B 37 9.73 23.74 -20.25
N VAL B 38 8.60 23.05 -20.40
CA VAL B 38 8.66 21.69 -20.93
C VAL B 38 9.08 21.69 -22.41
N THR B 39 8.60 22.66 -23.19
CA THR B 39 8.95 22.74 -24.60
C THR B 39 10.43 23.03 -24.72
N ASN B 40 10.93 23.89 -23.84
CA ASN B 40 12.34 24.25 -23.87
C ASN B 40 13.24 23.10 -23.42
N ILE B 41 12.78 22.36 -22.41
CA ILE B 41 13.55 21.24 -21.91
C ILE B 41 13.65 20.13 -22.97
N CYS B 42 12.53 19.80 -23.61
CA CYS B 42 12.56 18.77 -24.65
C CYS B 42 13.41 19.18 -25.85
N GLN B 43 13.41 20.45 -26.22
CA GLN B 43 14.25 20.85 -27.35
C GLN B 43 15.70 20.73 -26.94
N ALA B 44 15.94 20.97 -25.65
CA ALA B 44 17.29 20.87 -25.11
C ALA B 44 17.73 19.42 -25.22
N ALA B 45 16.88 18.52 -24.74
CA ALA B 45 17.21 17.10 -24.81
C ALA B 45 17.50 16.74 -26.26
N ASP B 46 16.68 17.26 -27.17
CA ASP B 46 16.87 17.00 -28.58
C ASP B 46 18.28 17.38 -29.00
N LYS B 47 18.64 18.64 -28.78
CA LYS B 47 19.97 19.09 -29.16
C LYS B 47 21.03 18.12 -28.69
N GLN B 48 20.86 17.61 -27.47
CA GLN B 48 21.83 16.68 -26.92
C GLN B 48 21.84 15.29 -27.59
N LEU B 49 20.68 14.85 -28.08
CA LEU B 49 20.59 13.54 -28.73
C LEU B 49 21.24 13.60 -30.10
N PHE B 50 21.15 14.78 -30.72
CA PHE B 50 21.71 15.02 -32.05
C PHE B 50 23.18 14.65 -32.17
N THR B 51 23.91 14.61 -31.04
CA THR B 51 25.33 14.30 -31.04
C THR B 51 25.74 13.24 -30.00
N LEU B 52 24.76 12.53 -29.46
CA LEU B 52 25.05 11.50 -28.45
C LEU B 52 25.84 10.35 -29.00
N VAL B 53 25.55 9.95 -30.24
CA VAL B 53 26.28 8.85 -30.86
C VAL B 53 27.73 9.24 -30.99
N GLU B 54 27.97 10.52 -31.32
CA GLU B 54 29.32 11.05 -31.45
C GLU B 54 30.06 10.86 -30.13
N TRP B 55 29.43 11.26 -29.03
CA TRP B 55 30.03 11.13 -27.71
C TRP B 55 30.35 9.66 -27.41
N ALA B 56 29.41 8.77 -27.67
CA ALA B 56 29.60 7.34 -27.41
C ALA B 56 30.80 6.80 -28.19
N LYS B 57 30.86 7.16 -29.48
CA LYS B 57 31.95 6.74 -30.37
C LYS B 57 33.33 7.15 -29.84
N ARG B 58 33.37 8.10 -28.91
CA ARG B 58 34.62 8.55 -28.35
C ARG B 58 35.05 7.74 -27.12
N ILE B 59 34.15 6.92 -26.58
CA ILE B 59 34.53 6.14 -25.43
C ILE B 59 35.40 4.97 -25.90
N PRO B 60 36.57 4.80 -25.28
CA PRO B 60 37.55 3.75 -25.58
C PRO B 60 37.19 2.56 -26.48
N HIS B 61 36.37 1.63 -26.01
CA HIS B 61 36.07 0.47 -26.84
C HIS B 61 34.64 0.33 -27.32
N PHE B 62 33.85 1.38 -27.16
CA PHE B 62 32.45 1.32 -27.57
C PHE B 62 32.29 1.00 -29.05
N SER B 63 33.14 1.59 -29.89
CA SER B 63 33.06 1.36 -31.32
C SER B 63 33.32 -0.07 -31.77
N SER B 64 34.03 -0.83 -30.93
CA SER B 64 34.35 -2.22 -31.27
C SER B 64 33.20 -3.19 -30.97
N LEU B 65 32.24 -2.75 -30.19
CA LEU B 65 31.11 -3.63 -29.87
C LEU B 65 30.25 -3.76 -31.11
N PRO B 66 29.59 -4.92 -31.31
CA PRO B 66 28.74 -5.10 -32.49
C PRO B 66 27.86 -3.87 -32.65
N LEU B 67 27.59 -3.45 -33.87
CA LEU B 67 26.74 -2.28 -34.08
C LEU B 67 25.40 -2.43 -33.36
N ASP B 68 24.84 -3.64 -33.40
CA ASP B 68 23.56 -3.91 -32.75
C ASP B 68 23.65 -3.70 -31.24
N ASP B 69 24.78 -4.07 -30.66
CA ASP B 69 24.99 -3.91 -29.23
C ASP B 69 25.13 -2.42 -28.91
N GLN B 70 25.63 -1.66 -29.88
CA GLN B 70 25.81 -0.23 -29.71
C GLN B 70 24.48 0.51 -29.65
N VAL B 71 23.57 0.21 -30.57
CA VAL B 71 22.26 0.87 -30.56
C VAL B 71 21.55 0.50 -29.26
N ILE B 72 21.57 -0.78 -28.92
CA ILE B 72 20.94 -1.24 -27.69
C ILE B 72 21.45 -0.49 -26.45
N LEU B 73 22.76 -0.31 -26.33
CA LEU B 73 23.32 0.40 -25.18
C LEU B 73 22.83 1.83 -25.13
N LEU B 74 22.83 2.50 -26.28
CA LEU B 74 22.37 3.89 -26.31
C LEU B 74 20.88 4.01 -26.04
N ARG B 75 20.08 3.08 -26.53
CA ARG B 75 18.62 3.11 -26.35
C ARG B 75 18.27 3.02 -24.87
N ALA B 76 19.02 2.19 -24.16
CA ALA B 76 18.78 1.96 -22.74
C ALA B 76 19.33 3.05 -21.84
N GLY B 77 20.41 3.72 -22.25
CA GLY B 77 20.99 4.74 -21.41
C GLY B 77 20.88 6.21 -21.76
N TRP B 78 20.28 6.51 -22.92
CA TRP B 78 20.15 7.89 -23.37
C TRP B 78 19.64 8.92 -22.36
N ASN B 79 18.56 8.63 -21.63
CA ASN B 79 18.08 9.65 -20.72
C ASN B 79 18.86 9.76 -19.39
N GLU B 80 19.36 8.64 -18.86
CA GLU B 80 20.15 8.73 -17.64
C GLU B 80 21.38 9.54 -18.03
N LEU B 81 21.98 9.18 -19.17
CA LEU B 81 23.15 9.87 -19.67
C LEU B 81 22.90 11.38 -19.72
N LEU B 82 21.86 11.77 -20.44
CA LEU B 82 21.54 13.19 -20.56
C LEU B 82 21.23 13.83 -19.22
N ILE B 83 20.46 13.14 -18.38
CA ILE B 83 20.14 13.66 -17.05
C ILE B 83 21.41 13.91 -16.23
N ALA B 84 22.46 13.12 -16.44
CA ALA B 84 23.72 13.30 -15.71
C ALA B 84 24.49 14.49 -16.27
N SER B 85 24.38 14.67 -17.57
CA SER B 85 25.05 15.76 -18.26
C SER B 85 24.48 17.12 -17.81
N PHE B 86 23.17 17.30 -17.95
CA PHE B 86 22.58 18.56 -17.59
C PHE B 86 22.64 18.83 -16.12
N SER B 87 22.61 17.78 -15.30
CA SER B 87 22.68 17.97 -13.86
C SER B 87 24.02 18.61 -13.51
N HIS B 88 25.10 17.98 -13.96
CA HIS B 88 26.44 18.48 -13.69
C HIS B 88 26.59 19.90 -14.19
N ARG B 89 26.21 20.12 -15.44
CA ARG B 89 26.28 21.43 -16.07
C ARG B 89 25.56 22.51 -15.25
N SER B 90 24.64 22.08 -14.40
CA SER B 90 23.86 23.02 -13.60
C SER B 90 24.38 23.31 -12.18
N ILE B 91 25.56 22.82 -11.86
CA ILE B 91 26.12 23.03 -10.53
C ILE B 91 26.17 24.49 -10.02
N ASP B 92 26.26 25.45 -10.95
CA ASP B 92 26.35 26.85 -10.56
C ASP B 92 25.07 27.62 -10.87
N VAL B 93 23.92 26.95 -10.82
CA VAL B 93 22.68 27.64 -11.12
C VAL B 93 21.85 27.76 -9.85
N ARG B 94 21.35 28.96 -9.58
CA ARG B 94 20.54 29.18 -8.40
C ARG B 94 19.23 28.45 -8.55
N ASP B 95 19.02 27.43 -7.71
CA ASP B 95 17.80 26.64 -7.75
C ASP B 95 17.25 26.45 -9.16
N GLY B 96 18.07 25.86 -10.03
CA GLY B 96 17.63 25.66 -11.38
C GLY B 96 18.50 24.73 -12.19
N ILE B 97 18.13 24.60 -13.46
CA ILE B 97 18.83 23.73 -14.36
C ILE B 97 19.34 24.56 -15.53
N LEU B 98 20.52 24.23 -16.04
CA LEU B 98 21.09 24.93 -17.18
C LEU B 98 21.00 24.02 -18.39
N LEU B 99 19.98 24.26 -19.22
CA LEU B 99 19.76 23.47 -20.42
C LEU B 99 20.94 23.50 -21.39
N ALA B 100 21.03 22.49 -22.24
CA ALA B 100 22.10 22.41 -23.22
C ALA B 100 21.89 23.53 -24.26
N THR B 101 20.77 24.20 -24.11
CA THR B 101 20.39 25.26 -25.01
C THR B 101 20.83 26.65 -24.52
N GLY B 102 21.37 26.71 -23.31
CA GLY B 102 21.80 27.99 -22.78
C GLY B 102 20.78 28.58 -21.82
N LEU B 103 19.51 28.26 -22.03
CA LEU B 103 18.44 28.77 -21.18
C LEU B 103 18.43 28.12 -19.79
N HIS B 104 17.75 28.79 -18.86
CA HIS B 104 17.60 28.32 -17.49
C HIS B 104 16.17 27.88 -17.30
N VAL B 105 15.95 27.09 -16.27
CA VAL B 105 14.61 26.65 -15.89
C VAL B 105 14.77 26.62 -14.39
N HIS B 106 13.99 27.41 -13.69
CA HIS B 106 14.10 27.47 -12.25
C HIS B 106 12.98 26.75 -11.53
N ARG B 107 13.30 26.26 -10.33
CA ARG B 107 12.37 25.53 -9.51
C ARG B 107 10.94 26.02 -9.62
N ASN B 108 10.74 27.33 -9.76
CA ASN B 108 9.40 27.90 -9.88
C ASN B 108 8.66 27.55 -11.17
N SER B 109 9.33 27.74 -12.31
CA SER B 109 8.72 27.43 -13.60
C SER B 109 8.36 25.93 -13.64
N ALA B 110 9.27 25.10 -13.15
CA ALA B 110 9.06 23.67 -13.12
C ALA B 110 7.79 23.31 -12.34
N HIS B 111 7.64 23.86 -11.15
CA HIS B 111 6.44 23.57 -10.38
C HIS B 111 5.23 24.07 -11.13
N SER B 112 5.32 25.26 -11.67
CA SER B 112 4.21 25.82 -12.43
C SER B 112 3.86 24.94 -13.61
N ALA B 113 4.86 24.27 -14.18
CA ALA B 113 4.64 23.42 -15.34
C ALA B 113 4.14 22.02 -15.01
N GLY B 114 4.05 21.71 -13.71
CA GLY B 114 3.57 20.40 -13.28
C GLY B 114 4.65 19.35 -13.13
N VAL B 115 5.91 19.73 -13.29
CA VAL B 115 7.01 18.79 -13.14
C VAL B 115 7.83 19.15 -11.89
N GLY B 116 7.14 19.69 -10.89
CA GLY B 116 7.79 20.09 -9.65
C GLY B 116 8.49 19.00 -8.84
N ALA B 117 7.75 17.95 -8.51
CA ALA B 117 8.33 16.86 -7.72
C ALA B 117 9.61 16.26 -8.28
N ILE B 118 9.62 15.90 -9.56
CA ILE B 118 10.82 15.29 -10.11
C ILE B 118 11.92 16.33 -10.25
N PHE B 119 11.51 17.58 -10.50
CA PHE B 119 12.49 18.64 -10.68
C PHE B 119 13.26 18.81 -9.38
N ASP B 120 12.56 18.65 -8.25
CA ASP B 120 13.19 18.76 -6.93
C ASP B 120 14.15 17.60 -6.70
N ARG B 121 13.84 16.44 -7.27
CA ARG B 121 14.73 15.29 -7.11
C ARG B 121 16.01 15.58 -7.86
N VAL B 122 15.88 16.20 -9.02
CA VAL B 122 17.06 16.55 -9.80
C VAL B 122 18.00 17.43 -8.98
N LEU B 123 17.46 18.54 -8.47
CA LEU B 123 18.28 19.48 -7.68
C LEU B 123 18.82 18.86 -6.38
N THR B 124 17.95 18.21 -5.62
CA THR B 124 18.31 17.58 -4.37
C THR B 124 19.23 16.38 -4.48
N GLU B 125 18.82 15.41 -5.29
CA GLU B 125 19.59 14.19 -5.44
C GLU B 125 20.77 14.23 -6.40
N LEU B 126 20.72 15.08 -7.41
CA LEU B 126 21.82 15.13 -8.39
C LEU B 126 22.65 16.40 -8.38
N VAL B 127 22.02 17.50 -8.75
CA VAL B 127 22.72 18.79 -8.82
C VAL B 127 23.45 19.19 -7.53
N SER B 128 22.69 19.40 -6.47
CA SER B 128 23.28 19.84 -5.20
C SER B 128 24.33 18.86 -4.67
N LYS B 129 24.08 17.56 -4.82
CA LYS B 129 25.05 16.60 -4.34
C LYS B 129 26.27 16.53 -5.25
N MET B 130 26.11 16.83 -6.53
CA MET B 130 27.29 16.83 -7.39
C MET B 130 28.07 18.10 -7.07
N ARG B 131 27.37 19.14 -6.62
CA ARG B 131 27.99 20.42 -6.26
C ARG B 131 28.79 20.35 -4.93
N ASP B 132 28.22 19.69 -3.92
CA ASP B 132 28.92 19.59 -2.64
C ASP B 132 30.22 18.79 -2.76
N MET B 133 30.23 17.73 -3.57
CA MET B 133 31.42 16.91 -3.76
C MET B 133 32.42 17.58 -4.66
N ARG B 134 31.98 18.58 -5.41
CA ARG B 134 32.82 19.25 -6.37
C ARG B 134 33.21 18.17 -7.38
N MET B 135 32.21 17.46 -7.87
CA MET B 135 32.39 16.38 -8.85
C MET B 135 32.95 16.90 -10.18
N ASP B 136 34.18 16.51 -10.53
CA ASP B 136 34.79 16.99 -11.78
C ASP B 136 34.30 16.27 -13.05
N LYS B 137 34.63 16.84 -14.20
CA LYS B 137 34.24 16.30 -15.50
C LYS B 137 34.72 14.86 -15.71
N THR B 138 35.99 14.63 -15.38
CA THR B 138 36.57 13.30 -15.51
C THR B 138 35.68 12.29 -14.79
N GLU B 139 35.27 12.61 -13.58
CA GLU B 139 34.42 11.74 -12.78
C GLU B 139 33.03 11.61 -13.40
N LEU B 140 32.49 12.70 -13.92
CA LEU B 140 31.18 12.68 -14.56
C LEU B 140 31.25 11.72 -15.75
N GLY B 141 32.19 12.00 -16.66
CA GLY B 141 32.36 11.19 -17.85
C GLY B 141 32.38 9.70 -17.52
N CYS B 142 33.12 9.34 -16.49
CA CYS B 142 33.21 7.96 -16.08
C CYS B 142 31.82 7.43 -15.73
N LEU B 143 31.16 8.10 -14.80
CA LEU B 143 29.84 7.66 -14.42
C LEU B 143 29.03 7.43 -15.68
N ARG B 144 29.10 8.38 -16.62
CA ARG B 144 28.38 8.24 -17.90
C ARG B 144 28.85 6.97 -18.61
N ALA B 145 30.15 6.90 -18.91
CA ALA B 145 30.73 5.72 -19.55
C ALA B 145 30.19 4.45 -18.87
N ILE B 146 30.11 4.46 -17.54
CA ILE B 146 29.61 3.31 -16.80
C ILE B 146 28.16 3.01 -17.14
N ILE B 147 27.29 4.02 -17.07
CA ILE B 147 25.90 3.79 -17.39
C ILE B 147 25.78 3.32 -18.85
N LEU B 148 26.66 3.81 -19.71
CA LEU B 148 26.65 3.42 -21.11
C LEU B 148 26.90 1.91 -21.24
N PHE B 149 27.94 1.41 -20.58
CA PHE B 149 28.27 -0.01 -20.62
C PHE B 149 27.42 -0.72 -19.60
N ASN B 150 26.13 -0.88 -19.93
CA ASN B 150 25.16 -1.51 -19.05
C ASN B 150 24.84 -2.94 -19.51
N PRO B 151 25.35 -3.94 -18.78
CA PRO B 151 25.15 -5.35 -19.11
C PRO B 151 23.69 -5.77 -18.99
N ASP B 152 22.88 -4.99 -18.27
CA ASP B 152 21.49 -5.33 -18.11
C ASP B 152 20.69 -4.93 -19.33
N ALA B 153 21.33 -4.24 -20.27
CA ALA B 153 20.66 -3.83 -21.50
C ALA B 153 20.09 -5.05 -22.21
N LYS B 154 18.79 -5.06 -22.43
CA LYS B 154 18.12 -6.17 -23.06
C LYS B 154 18.48 -6.39 -24.51
N GLY B 155 18.84 -7.64 -24.84
CA GLY B 155 19.17 -8.00 -26.20
C GLY B 155 20.62 -7.88 -26.65
N LEU B 156 21.53 -7.62 -25.71
CA LEU B 156 22.94 -7.50 -26.07
C LEU B 156 23.41 -8.86 -26.57
N SER B 157 24.25 -8.86 -27.60
CA SER B 157 24.79 -10.11 -28.12
C SER B 157 25.71 -10.70 -27.04
N ASN B 158 26.77 -9.98 -26.69
CA ASN B 158 27.72 -10.45 -25.69
C ASN B 158 27.69 -9.56 -24.46
N PRO B 159 26.86 -9.92 -23.46
CA PRO B 159 26.78 -9.11 -22.24
C PRO B 159 28.05 -9.14 -21.39
N SER B 160 28.67 -10.31 -21.26
CA SER B 160 29.89 -10.42 -20.47
C SER B 160 30.92 -9.43 -21.00
N GLU B 161 30.94 -9.25 -22.32
CA GLU B 161 31.88 -8.32 -22.93
C GLU B 161 31.59 -6.92 -22.40
N VAL B 162 30.31 -6.55 -22.41
CA VAL B 162 29.90 -5.25 -21.92
C VAL B 162 30.24 -5.13 -20.44
N GLU B 163 29.95 -6.16 -19.68
CA GLU B 163 30.26 -6.15 -18.26
C GLU B 163 31.75 -5.83 -18.08
N VAL B 164 32.60 -6.50 -18.86
CA VAL B 164 34.04 -6.30 -18.78
C VAL B 164 34.45 -4.85 -19.01
N LEU B 165 33.82 -4.20 -19.98
CA LEU B 165 34.15 -2.82 -20.29
C LEU B 165 33.75 -1.85 -19.17
N ARG B 166 32.70 -2.16 -18.43
CA ARG B 166 32.31 -1.24 -17.37
C ARG B 166 33.19 -1.40 -16.14
N GLU B 167 33.63 -2.62 -15.86
CA GLU B 167 34.49 -2.82 -14.70
C GLU B 167 35.86 -2.22 -14.96
N LYS B 168 36.17 -2.01 -16.23
CA LYS B 168 37.44 -1.38 -16.60
C LYS B 168 37.32 0.11 -16.31
N VAL B 169 36.16 0.66 -16.67
CA VAL B 169 35.89 2.07 -16.46
C VAL B 169 35.95 2.42 -14.99
N TYR B 170 35.23 1.68 -14.14
CA TYR B 170 35.25 1.99 -12.72
C TYR B 170 36.55 1.59 -12.05
N ALA B 171 37.40 0.89 -12.78
CA ALA B 171 38.70 0.53 -12.25
C ALA B 171 39.54 1.77 -12.42
N SER B 172 39.58 2.30 -13.64
CA SER B 172 40.34 3.51 -13.88
C SER B 172 39.80 4.62 -12.98
N LEU B 173 38.46 4.68 -12.88
CA LEU B 173 37.78 5.69 -12.08
C LEU B 173 38.20 5.66 -10.61
N GLU B 174 38.26 4.47 -10.02
CA GLU B 174 38.66 4.33 -8.63
C GLU B 174 40.12 4.79 -8.49
N THR B 175 40.95 4.42 -9.46
CA THR B 175 42.36 4.80 -9.45
C THR B 175 42.46 6.33 -9.45
N TYR B 176 41.82 6.94 -10.44
CA TYR B 176 41.79 8.38 -10.58
C TYR B 176 41.41 9.02 -9.24
N CYS B 177 40.30 8.56 -8.65
CA CYS B 177 39.86 9.10 -7.37
C CYS B 177 40.88 8.96 -6.25
N LYS B 178 41.69 7.91 -6.32
CA LYS B 178 42.70 7.71 -5.29
C LYS B 178 43.84 8.69 -5.51
N GLN B 179 44.16 8.94 -6.78
CA GLN B 179 45.23 9.86 -7.14
C GLN B 179 44.89 11.31 -6.80
N LYS B 180 43.86 11.84 -7.45
CA LYS B 180 43.47 13.23 -7.25
C LYS B 180 42.87 13.55 -5.88
N TYR B 181 42.18 12.60 -5.26
CA TYR B 181 41.61 12.88 -3.95
C TYR B 181 41.98 11.87 -2.87
N PRO B 182 43.29 11.75 -2.59
CA PRO B 182 43.81 10.82 -1.57
C PRO B 182 43.22 11.00 -0.17
N GLU B 183 42.95 12.24 0.23
CA GLU B 183 42.39 12.45 1.55
C GLU B 183 40.94 11.91 1.65
N GLN B 184 40.27 11.83 0.49
CA GLN B 184 38.90 11.31 0.38
C GLN B 184 38.90 9.87 -0.13
N GLN B 185 38.93 8.93 0.79
CA GLN B 185 38.99 7.50 0.44
C GLN B 185 37.65 6.89 0.05
N GLY B 186 36.57 7.48 0.52
CA GLY B 186 35.25 6.96 0.21
C GLY B 186 34.58 7.60 -0.99
N ARG B 187 35.28 8.52 -1.67
CA ARG B 187 34.71 9.22 -2.84
C ARG B 187 34.29 8.29 -3.97
N PHE B 188 35.10 7.28 -4.25
CA PHE B 188 34.77 6.35 -5.32
C PHE B 188 33.40 5.76 -5.09
N ALA B 189 33.19 5.15 -3.93
CA ALA B 189 31.89 4.55 -3.61
C ALA B 189 30.85 5.64 -3.72
N LYS B 190 31.06 6.71 -2.97
CA LYS B 190 30.15 7.85 -2.96
C LYS B 190 29.71 8.20 -4.40
N LEU B 191 30.63 8.19 -5.35
CA LEU B 191 30.28 8.49 -6.73
C LEU B 191 29.31 7.44 -7.28
N LEU B 192 29.68 6.18 -7.16
CA LEU B 192 28.83 5.09 -7.65
C LEU B 192 27.44 5.15 -7.04
N LEU B 193 27.34 5.58 -5.80
CA LEU B 193 26.06 5.64 -5.12
C LEU B 193 25.09 6.70 -5.64
N ARG B 194 25.49 7.41 -6.70
CA ARG B 194 24.63 8.41 -7.30
C ARG B 194 23.92 7.75 -8.48
N LEU B 195 24.39 6.57 -8.88
CA LEU B 195 23.78 5.86 -10.01
C LEU B 195 22.33 5.42 -9.74
N PRO B 196 22.03 4.92 -8.55
CA PRO B 196 20.63 4.52 -8.35
C PRO B 196 19.69 5.71 -8.41
N ALA B 197 20.16 6.88 -8.02
CA ALA B 197 19.34 8.08 -8.07
C ALA B 197 19.10 8.46 -9.53
N LEU B 198 20.11 8.26 -10.37
CA LEU B 198 19.95 8.55 -11.79
C LEU B 198 18.96 7.53 -12.39
N ARG B 199 19.01 6.29 -11.91
CA ARG B 199 18.12 5.26 -12.42
C ARG B 199 16.68 5.68 -12.15
N SER B 200 16.32 5.85 -10.89
CA SER B 200 14.94 6.23 -10.56
C SER B 200 14.52 7.53 -11.25
N ILE B 201 15.31 8.59 -11.12
CA ILE B 201 14.93 9.84 -11.74
C ILE B 201 14.66 9.63 -13.23
N GLY B 202 15.53 8.86 -13.87
CA GLY B 202 15.36 8.57 -15.29
C GLY B 202 14.01 7.93 -15.61
N LEU B 203 13.64 6.87 -14.88
CA LEU B 203 12.36 6.22 -15.13
C LEU B 203 11.25 7.23 -14.95
N LYS B 204 11.37 8.07 -13.93
CA LYS B 204 10.35 9.08 -13.68
C LYS B 204 10.30 10.03 -14.86
N CYS B 205 11.47 10.43 -15.35
CA CYS B 205 11.54 11.34 -16.49
C CYS B 205 10.71 10.79 -17.65
N LEU B 206 11.02 9.56 -18.07
CA LEU B 206 10.30 8.96 -19.19
C LEU B 206 8.80 8.92 -18.97
N GLU B 207 8.36 8.71 -17.73
CA GLU B 207 6.93 8.67 -17.44
C GLU B 207 6.29 10.03 -17.72
N HIS B 208 6.90 11.10 -17.20
CA HIS B 208 6.38 12.45 -17.43
C HIS B 208 6.40 12.71 -18.94
N LEU B 209 7.48 12.30 -19.60
CA LEU B 209 7.61 12.47 -21.05
C LEU B 209 6.45 11.85 -21.83
N PHE B 210 5.99 10.68 -21.41
CA PHE B 210 4.86 10.04 -22.06
C PHE B 210 3.69 10.98 -21.92
N PHE B 211 3.34 11.27 -20.66
CA PHE B 211 2.21 12.12 -20.33
C PHE B 211 2.14 13.37 -21.18
N PHE B 212 3.21 14.15 -21.22
CA PHE B 212 3.18 15.38 -22.00
C PHE B 212 3.05 15.12 -23.49
N LYS B 213 3.64 14.01 -23.94
CA LYS B 213 3.59 13.63 -25.34
C LYS B 213 2.17 13.16 -25.65
N LEU B 214 1.49 12.68 -24.63
CA LEU B 214 0.16 12.18 -24.83
C LEU B 214 -0.90 13.28 -24.83
N ILE B 215 -0.72 14.30 -24.02
CA ILE B 215 -1.67 15.41 -23.98
C ILE B 215 -1.25 16.64 -24.79
N GLY B 216 -0.03 16.59 -25.33
CA GLY B 216 0.47 17.69 -26.14
C GLY B 216 -0.42 18.05 -27.33
N ASP B 217 -0.40 19.34 -27.68
CA ASP B 217 -1.18 19.93 -28.77
C ASP B 217 -2.65 19.48 -28.89
N THR B 218 -3.28 19.21 -27.75
CA THR B 218 -4.66 18.80 -27.74
C THR B 218 -5.33 19.74 -26.78
N PRO B 219 -6.64 19.93 -26.93
CA PRO B 219 -7.26 20.86 -25.99
C PRO B 219 -6.93 20.56 -24.53
N ILE B 220 -6.59 19.29 -24.23
CA ILE B 220 -6.22 18.88 -22.89
C ILE B 220 -5.05 19.72 -22.37
N ASP B 221 -4.06 19.92 -23.24
CA ASP B 221 -2.86 20.72 -22.96
C ASP B 221 -3.25 22.14 -22.60
N THR B 222 -4.13 22.73 -23.39
CA THR B 222 -4.53 24.11 -23.13
C THR B 222 -5.10 24.22 -21.70
N PHE B 223 -5.84 23.21 -21.24
CA PHE B 223 -6.40 23.25 -19.87
C PHE B 223 -5.31 23.40 -18.79
N LEU B 224 -4.21 22.69 -19.00
CA LEU B 224 -3.08 22.72 -18.09
C LEU B 224 -2.17 23.91 -18.39
N MET C 1 -9.55 -13.64 28.59
CA MET C 1 -9.37 -12.30 28.02
C MET C 1 -9.39 -11.20 29.08
N PRO C 2 -8.31 -11.03 29.85
CA PRO C 2 -8.44 -9.94 30.82
C PRO C 2 -8.46 -8.57 30.10
N VAL C 3 -9.53 -7.81 30.32
CA VAL C 3 -9.64 -6.49 29.72
C VAL C 3 -8.46 -5.58 30.13
N ASP C 4 -7.92 -5.78 31.33
CA ASP C 4 -6.82 -4.95 31.78
C ASP C 4 -5.55 -5.14 30.92
N ARG C 5 -5.34 -6.39 30.47
CA ARG C 5 -4.21 -6.75 29.61
C ARG C 5 -4.27 -5.93 28.33
N ILE C 6 -5.50 -5.70 27.86
CA ILE C 6 -5.78 -4.95 26.64
C ILE C 6 -5.46 -3.48 26.84
N LEU C 7 -6.07 -2.91 27.86
CA LEU C 7 -5.87 -1.50 28.19
C LEU C 7 -4.37 -1.21 28.25
N GLU C 8 -3.61 -2.14 28.80
CA GLU C 8 -2.16 -2.01 28.92
C GLU C 8 -1.49 -1.92 27.53
N ALA C 9 -2.01 -2.69 26.58
CA ALA C 9 -1.48 -2.72 25.22
C ALA C 9 -1.68 -1.37 24.58
N GLU C 10 -2.85 -0.77 24.79
CA GLU C 10 -3.17 0.54 24.24
C GLU C 10 -2.18 1.56 24.79
N LEU C 11 -2.11 1.64 26.13
CA LEU C 11 -1.22 2.56 26.80
C LEU C 11 0.21 2.39 26.33
N ALA C 12 0.60 1.14 26.06
CA ALA C 12 1.95 0.82 25.61
C ALA C 12 2.39 1.60 24.37
N VAL C 13 1.42 2.19 23.66
CA VAL C 13 1.72 3.00 22.46
C VAL C 13 1.29 4.47 22.64
N PRO C 37 -2.33 18.62 4.20
CA PRO C 37 -2.77 17.65 5.22
C PRO C 37 -2.66 16.17 4.87
N VAL C 38 -2.75 15.81 3.58
CA VAL C 38 -2.66 14.40 3.22
C VAL C 38 -1.25 13.86 3.48
N THR C 39 -0.23 14.67 3.23
CA THR C 39 1.14 14.21 3.45
C THR C 39 1.35 13.98 4.94
N ASN C 40 0.78 14.86 5.75
CA ASN C 40 0.92 14.76 7.20
C ASN C 40 0.13 13.59 7.74
N ILE C 41 -1.06 13.35 7.20
CA ILE C 41 -1.87 12.25 7.67
C ILE C 41 -1.21 10.91 7.35
N CYS C 42 -0.66 10.77 6.14
CA CYS C 42 -0.01 9.53 5.76
C CYS C 42 1.24 9.27 6.59
N GLN C 43 1.98 10.31 6.91
CA GLN C 43 3.17 10.09 7.71
C GLN C 43 2.75 9.68 9.10
N ALA C 44 1.58 10.19 9.52
CA ALA C 44 1.04 9.87 10.83
C ALA C 44 0.70 8.39 10.83
N ALA C 45 -0.01 7.94 9.81
CA ALA C 45 -0.38 6.53 9.72
C ALA C 45 0.90 5.71 9.75
N ASP C 46 1.91 6.18 9.05
CA ASP C 46 3.17 5.46 9.02
C ASP C 46 3.69 5.26 10.43
N LYS C 47 3.85 6.35 11.16
CA LYS C 47 4.35 6.26 12.52
C LYS C 47 3.60 5.19 13.28
N GLN C 48 2.29 5.14 13.11
CA GLN C 48 1.48 4.16 13.80
C GLN C 48 1.70 2.71 13.37
N LEU C 49 2.02 2.50 12.08
CA LEU C 49 2.25 1.15 11.57
C LEU C 49 3.58 0.62 12.08
N PHE C 50 4.52 1.53 12.28
CA PHE C 50 5.85 1.20 12.76
C PHE C 50 5.86 0.38 14.05
N THR C 51 4.78 0.46 14.83
CA THR C 51 4.69 -0.25 16.10
C THR C 51 3.39 -1.02 16.29
N LEU C 52 2.65 -1.23 15.20
CA LEU C 52 1.36 -1.93 15.26
C LEU C 52 1.53 -3.39 15.63
N VAL C 53 2.59 -4.01 15.14
CA VAL C 53 2.85 -5.41 15.46
C VAL C 53 3.09 -5.54 16.95
N GLU C 54 3.80 -4.56 17.52
CA GLU C 54 4.08 -4.51 18.94
C GLU C 54 2.75 -4.52 19.72
N TRP C 55 1.83 -3.65 19.32
CA TRP C 55 0.54 -3.56 19.97
C TRP C 55 -0.19 -4.90 19.90
N ALA C 56 -0.20 -5.50 18.71
CA ALA C 56 -0.90 -6.79 18.53
C ALA C 56 -0.32 -7.86 19.45
N LYS C 57 1.01 -7.92 19.50
CA LYS C 57 1.71 -8.90 20.33
C LYS C 57 1.36 -8.77 21.82
N ARG C 58 0.74 -7.66 22.21
CA ARG C 58 0.35 -7.46 23.59
C ARG C 58 -1.06 -7.95 23.87
N ILE C 59 -1.82 -8.27 22.83
CA ILE C 59 -3.16 -8.76 23.08
C ILE C 59 -3.06 -10.22 23.52
N PRO C 60 -3.71 -10.57 24.65
CA PRO C 60 -3.75 -11.89 25.26
C PRO C 60 -3.24 -13.12 24.51
N HIS C 61 -3.98 -13.59 23.51
CA HIS C 61 -3.53 -14.79 22.80
C HIS C 61 -3.12 -14.62 21.35
N PHE C 62 -2.95 -13.38 20.91
CA PHE C 62 -2.58 -13.13 19.52
C PHE C 62 -1.28 -13.83 19.13
N SER C 63 -0.30 -13.78 20.02
CA SER C 63 1.00 -14.39 19.75
C SER C 63 0.98 -15.90 19.58
N SER C 64 -0.05 -16.57 20.10
CA SER C 64 -0.12 -18.02 19.99
C SER C 64 -0.70 -18.47 18.66
N LEU C 65 -1.34 -17.55 17.92
CA LEU C 65 -1.90 -17.91 16.62
C LEU C 65 -0.76 -18.13 15.64
N PRO C 66 -0.94 -19.05 14.67
CA PRO C 66 0.14 -19.31 13.71
C PRO C 66 0.66 -17.96 13.20
N LEU C 67 1.95 -17.85 12.94
CA LEU C 67 2.53 -16.60 12.45
C LEU C 67 1.78 -16.12 11.21
N ASP C 68 1.46 -17.06 10.33
CA ASP C 68 0.76 -16.76 9.09
C ASP C 68 -0.61 -16.17 9.36
N ASP C 69 -1.28 -16.66 10.39
CA ASP C 69 -2.60 -16.16 10.75
C ASP C 69 -2.46 -14.76 11.36
N GLN C 70 -1.30 -14.49 11.96
CA GLN C 70 -1.02 -13.20 12.56
C GLN C 70 -0.86 -12.11 11.51
N VAL C 71 -0.04 -12.37 10.48
CA VAL C 71 0.13 -11.38 9.42
C VAL C 71 -1.23 -11.14 8.76
N ILE C 72 -1.94 -12.22 8.45
CA ILE C 72 -3.24 -12.08 7.82
C ILE C 72 -4.19 -11.19 8.62
N LEU C 73 -4.27 -11.38 9.94
CA LEU C 73 -5.18 -10.56 10.74
C LEU C 73 -4.78 -9.10 10.69
N LEU C 74 -3.49 -8.83 10.78
CA LEU C 74 -2.99 -7.47 10.73
C LEU C 74 -3.21 -6.80 9.37
N ARG C 75 -3.02 -7.56 8.29
CA ARG C 75 -3.20 -7.03 6.93
C ARG C 75 -4.64 -6.58 6.71
N ALA C 76 -5.58 -7.36 7.24
CA ALA C 76 -6.99 -7.06 7.08
C ALA C 76 -7.52 -6.00 8.03
N GLY C 77 -6.89 -5.80 9.18
CA GLY C 77 -7.41 -4.83 10.12
C GLY C 77 -6.61 -3.56 10.38
N TRP C 78 -5.42 -3.45 9.81
CA TRP C 78 -4.58 -2.30 10.04
C TRP C 78 -5.23 -0.91 9.93
N ASN C 79 -6.02 -0.64 8.91
CA ASN C 79 -6.57 0.70 8.82
C ASN C 79 -7.78 0.95 9.71
N GLU C 80 -8.64 -0.06 9.91
CA GLU C 80 -9.79 0.12 10.80
C GLU C 80 -9.17 0.36 12.17
N LEU C 81 -8.20 -0.46 12.54
CA LEU C 81 -7.52 -0.31 13.81
C LEU C 81 -7.03 1.11 13.97
N LEU C 82 -6.17 1.56 13.04
CA LEU C 82 -5.63 2.91 13.13
C LEU C 82 -6.74 3.99 13.13
N ILE C 83 -7.75 3.82 12.29
CA ILE C 83 -8.84 4.78 12.23
C ILE C 83 -9.55 4.91 13.59
N ALA C 84 -9.57 3.81 14.34
CA ALA C 84 -10.22 3.79 15.65
C ALA C 84 -9.32 4.48 16.67
N SER C 85 -8.02 4.31 16.50
CA SER C 85 -7.07 4.89 17.42
C SER C 85 -7.06 6.41 17.28
N PHE C 86 -6.86 6.94 16.07
CA PHE C 86 -6.82 8.38 15.91
C PHE C 86 -8.17 9.03 16.18
N SER C 87 -9.25 8.32 15.92
CA SER C 87 -10.58 8.88 16.16
C SER C 87 -10.72 9.17 17.66
N HIS C 88 -10.48 8.15 18.48
CA HIS C 88 -10.58 8.28 19.93
C HIS C 88 -9.66 9.39 20.41
N ARG C 89 -8.40 9.32 20.00
CA ARG C 89 -7.41 10.33 20.39
C ARG C 89 -7.86 11.75 20.08
N SER C 90 -8.81 11.89 19.16
CA SER C 90 -9.26 13.22 18.74
C SER C 90 -10.52 13.73 19.44
N ILE C 91 -10.98 13.02 20.47
CA ILE C 91 -12.18 13.43 21.19
C ILE C 91 -12.22 14.87 21.70
N ASP C 92 -11.06 15.45 21.98
CA ASP C 92 -11.02 16.82 22.49
C ASP C 92 -10.48 17.83 21.46
N VAL C 93 -10.70 17.57 20.18
CA VAL C 93 -10.23 18.48 19.16
C VAL C 93 -11.40 19.20 18.52
N ARG C 94 -11.30 20.52 18.41
CA ARG C 94 -12.36 21.32 17.81
C ARG C 94 -12.44 20.99 16.33
N ASP C 95 -13.55 20.38 15.92
CA ASP C 95 -13.75 19.99 14.53
C ASP C 95 -12.45 19.58 13.82
N GLY C 96 -11.79 18.57 14.37
CA GLY C 96 -10.56 18.12 13.76
C GLY C 96 -10.08 16.78 14.26
N ILE C 97 -8.90 16.41 13.78
CA ILE C 97 -8.32 15.15 14.11
C ILE C 97 -6.94 15.41 14.72
N LEU C 98 -6.56 14.58 15.70
CA LEU C 98 -5.26 14.72 16.33
C LEU C 98 -4.38 13.56 15.89
N LEU C 99 -3.53 13.84 14.91
CA LEU C 99 -2.63 12.84 14.36
C LEU C 99 -1.70 12.23 15.42
N ALA C 100 -1.20 11.04 15.14
CA ALA C 100 -0.29 10.36 16.05
C ALA C 100 1.03 11.14 16.06
N THR C 101 1.10 12.14 15.20
CA THR C 101 2.28 12.95 15.06
C THR C 101 2.25 14.22 15.92
N GLY C 102 1.12 14.46 16.57
CA GLY C 102 0.98 15.64 17.38
C GLY C 102 0.26 16.77 16.67
N LEU C 103 0.37 16.81 15.34
CA LEU C 103 -0.28 17.85 14.54
C LEU C 103 -1.79 17.66 14.45
N HIS C 104 -2.47 18.75 14.10
CA HIS C 104 -3.92 18.76 13.95
C HIS C 104 -4.24 18.86 12.46
N VAL C 105 -5.47 18.50 12.13
CA VAL C 105 -5.97 18.61 10.76
C VAL C 105 -7.41 18.96 11.03
N HIS C 106 -7.83 20.15 10.58
CA HIS C 106 -9.19 20.58 10.83
C HIS C 106 -10.09 20.47 9.63
N ARG C 107 -11.38 20.29 9.91
CA ARG C 107 -12.40 20.14 8.89
C ARG C 107 -12.13 20.98 7.64
N ASN C 108 -11.58 22.18 7.83
CA ASN C 108 -11.29 23.05 6.70
C ASN C 108 -10.18 22.56 5.77
N SER C 109 -9.02 22.22 6.35
CA SER C 109 -7.90 21.73 5.57
C SER C 109 -8.33 20.48 4.80
N ALA C 110 -9.05 19.60 5.47
CA ALA C 110 -9.52 18.36 4.87
C ALA C 110 -10.35 18.65 3.63
N HIS C 111 -11.32 19.55 3.75
CA HIS C 111 -12.15 19.88 2.59
C HIS C 111 -11.28 20.46 1.49
N SER C 112 -10.39 21.35 1.87
CA SER C 112 -9.51 21.97 0.91
C SER C 112 -8.64 20.92 0.22
N ALA C 113 -8.31 19.86 0.93
CA ALA C 113 -7.47 18.81 0.38
C ALA C 113 -8.23 17.78 -0.48
N GLY C 114 -9.55 17.91 -0.51
CA GLY C 114 -10.34 16.98 -1.30
C GLY C 114 -10.83 15.75 -0.57
N VAL C 115 -10.55 15.69 0.73
CA VAL C 115 -10.98 14.54 1.52
C VAL C 115 -12.06 14.99 2.52
N GLY C 116 -12.84 15.97 2.11
CA GLY C 116 -13.89 16.50 2.97
C GLY C 116 -14.99 15.53 3.37
N ALA C 117 -15.65 14.90 2.39
CA ALA C 117 -16.73 13.98 2.70
C ALA C 117 -16.39 12.89 3.71
N ILE C 118 -15.29 12.18 3.50
CA ILE C 118 -14.92 11.10 4.44
C ILE C 118 -14.47 11.68 5.77
N PHE C 119 -13.82 12.83 5.73
CA PHE C 119 -13.37 13.47 6.95
C PHE C 119 -14.57 13.78 7.83
N ASP C 120 -15.68 14.18 7.21
CA ASP C 120 -16.90 14.47 7.96
C ASP C 120 -17.47 13.21 8.58
N ARG C 121 -17.29 12.07 7.91
CA ARG C 121 -17.79 10.79 8.43
C ARG C 121 -16.99 10.45 9.67
N VAL C 122 -15.68 10.71 9.61
CA VAL C 122 -14.84 10.46 10.76
C VAL C 122 -15.37 11.22 11.98
N LEU C 123 -15.50 12.54 11.86
CA LEU C 123 -15.97 13.38 12.96
C LEU C 123 -17.40 13.04 13.42
N THR C 124 -18.31 12.91 12.46
CA THR C 124 -19.71 12.62 12.75
C THR C 124 -19.98 11.23 13.27
N GLU C 125 -19.50 10.23 12.54
CA GLU C 125 -19.73 8.83 12.90
C GLU C 125 -18.80 8.24 13.96
N LEU C 126 -17.57 8.73 14.07
CA LEU C 126 -16.64 8.16 15.03
C LEU C 126 -16.27 9.07 16.18
N VAL C 127 -15.56 10.16 15.87
CA VAL C 127 -15.11 11.09 16.90
C VAL C 127 -16.20 11.62 17.82
N SER C 128 -17.15 12.37 17.27
CA SER C 128 -18.22 12.95 18.06
C SER C 128 -19.01 11.90 18.81
N LYS C 129 -19.27 10.75 18.20
CA LYS C 129 -20.04 9.73 18.89
C LYS C 129 -19.21 9.02 19.96
N MET C 130 -17.90 8.97 19.80
CA MET C 130 -17.07 8.37 20.83
C MET C 130 -17.00 9.38 21.96
N ARG C 131 -17.12 10.67 21.63
CA ARG C 131 -17.06 11.74 22.63
C ARG C 131 -18.33 11.84 23.48
N ASP C 132 -19.49 11.69 22.87
CA ASP C 132 -20.74 11.77 23.61
C ASP C 132 -20.88 10.62 24.60
N MET C 133 -20.43 9.43 24.22
CA MET C 133 -20.49 8.26 25.10
C MET C 133 -19.41 8.30 26.18
N ARG C 134 -18.41 9.13 25.97
CA ARG C 134 -17.29 9.22 26.91
C ARG C 134 -16.67 7.82 26.87
N MET C 135 -16.39 7.33 25.67
CA MET C 135 -15.81 6.01 25.44
C MET C 135 -14.39 5.94 25.99
N ASP C 136 -14.18 5.12 27.03
CA ASP C 136 -12.84 4.99 27.63
C ASP C 136 -11.86 4.10 26.85
N LYS C 137 -10.58 4.21 27.20
CA LYS C 137 -9.51 3.44 26.57
C LYS C 137 -9.75 1.94 26.60
N THR C 138 -10.15 1.44 27.77
CA THR C 138 -10.42 0.02 27.93
C THR C 138 -11.41 -0.43 26.87
N GLU C 139 -12.46 0.35 26.69
CA GLU C 139 -13.50 0.05 25.70
C GLU C 139 -12.94 0.15 24.27
N LEU C 140 -12.10 1.15 24.03
CA LEU C 140 -11.51 1.34 22.71
C LEU C 140 -10.66 0.10 22.40
N GLY C 141 -9.72 -0.18 23.28
CA GLY C 141 -8.84 -1.32 23.09
C GLY C 141 -9.60 -2.57 22.72
N CYS C 142 -10.70 -2.83 23.43
CA CYS C 142 -11.50 -3.99 23.17
C CYS C 142 -11.99 -3.96 21.74
N LEU C 143 -12.68 -2.89 21.37
CA LEU C 143 -13.19 -2.78 20.02
C LEU C 143 -12.04 -3.10 19.07
N ARG C 144 -10.85 -2.55 19.33
CA ARG C 144 -9.69 -2.83 18.48
C ARG C 144 -9.42 -4.32 18.49
N ALA C 145 -9.18 -4.87 19.69
CA ALA C 145 -8.91 -6.29 19.85
C ALA C 145 -9.92 -7.11 19.04
N ILE C 146 -11.18 -6.68 19.08
CA ILE C 146 -12.24 -7.36 18.33
C ILE C 146 -12.00 -7.30 16.82
N ILE C 147 -11.74 -6.10 16.30
CA ILE C 147 -11.51 -5.99 14.88
C ILE C 147 -10.28 -6.81 14.52
N LEU C 148 -9.31 -6.86 15.41
CA LEU C 148 -8.09 -7.63 15.15
C LEU C 148 -8.41 -9.12 14.96
N PHE C 149 -9.22 -9.68 15.86
CA PHE C 149 -9.62 -11.09 15.77
C PHE C 149 -10.81 -11.18 14.84
N ASN C 150 -10.54 -11.03 13.55
CA ASN C 150 -11.58 -11.07 12.53
C ASN C 150 -11.56 -12.40 11.79
N PRO C 151 -12.57 -13.25 12.04
CA PRO C 151 -12.69 -14.57 11.40
C PRO C 151 -12.94 -14.49 9.89
N ASP C 152 -13.39 -13.33 9.42
CA ASP C 152 -13.63 -13.19 7.99
C ASP C 152 -12.33 -12.95 7.24
N ALA C 153 -11.23 -12.76 7.97
CA ALA C 153 -9.94 -12.53 7.33
C ALA C 153 -9.64 -13.69 6.38
N LYS C 154 -9.43 -13.38 5.10
CA LYS C 154 -9.20 -14.42 4.13
C LYS C 154 -7.87 -15.13 4.26
N GLY C 155 -7.94 -16.44 4.22
CA GLY C 155 -6.72 -17.25 4.31
C GLY C 155 -6.29 -17.70 5.69
N LEU C 156 -7.08 -17.46 6.72
CA LEU C 156 -6.71 -17.90 8.06
C LEU C 156 -6.64 -19.41 8.08
N SER C 157 -5.67 -19.96 8.80
CA SER C 157 -5.58 -21.41 8.88
C SER C 157 -6.75 -21.92 9.72
N ASN C 158 -6.83 -21.46 10.96
CA ASN C 158 -7.89 -21.88 11.88
C ASN C 158 -8.81 -20.69 12.22
N PRO C 159 -9.87 -20.51 11.43
CA PRO C 159 -10.86 -19.44 11.59
C PRO C 159 -11.69 -19.55 12.88
N SER C 160 -12.16 -20.76 13.19
CA SER C 160 -12.96 -20.94 14.39
C SER C 160 -12.14 -20.53 15.60
N GLU C 161 -10.84 -20.77 15.53
CA GLU C 161 -9.98 -20.40 16.63
C GLU C 161 -10.02 -18.88 16.83
N VAL C 162 -9.91 -18.15 15.72
CA VAL C 162 -9.96 -16.69 15.75
C VAL C 162 -11.34 -16.26 16.23
N GLU C 163 -12.39 -16.89 15.72
CA GLU C 163 -13.73 -16.57 16.15
C GLU C 163 -13.81 -16.66 17.68
N VAL C 164 -13.27 -17.75 18.24
CA VAL C 164 -13.28 -17.98 19.67
C VAL C 164 -12.61 -16.85 20.45
N LEU C 165 -11.47 -16.36 19.95
CA LEU C 165 -10.77 -15.28 20.64
C LEU C 165 -11.54 -13.96 20.64
N ARG C 166 -12.35 -13.71 19.62
CA ARG C 166 -13.08 -12.45 19.61
C ARG C 166 -14.31 -12.51 20.50
N GLU C 167 -14.94 -13.67 20.59
CA GLU C 167 -16.11 -13.77 21.46
C GLU C 167 -15.68 -13.69 22.92
N LYS C 168 -14.41 -13.98 23.17
CA LYS C 168 -13.86 -13.89 24.51
C LYS C 168 -13.67 -12.41 24.84
N VAL C 169 -13.16 -11.67 23.86
CA VAL C 169 -12.93 -10.24 24.02
C VAL C 169 -14.23 -9.51 24.32
N TYR C 170 -15.25 -9.71 23.49
CA TYR C 170 -16.52 -9.04 23.71
C TYR C 170 -17.29 -9.59 24.91
N ALA C 171 -16.81 -10.70 25.46
CA ALA C 171 -17.42 -11.28 26.65
C ALA C 171 -16.90 -10.42 27.79
N SER C 172 -15.57 -10.32 27.87
CA SER C 172 -14.96 -9.52 28.91
C SER C 172 -15.48 -8.09 28.79
N LEU C 173 -15.56 -7.61 27.55
CA LEU C 173 -16.02 -6.26 27.24
C LEU C 173 -17.41 -5.96 27.78
N GLU C 174 -18.34 -6.88 27.53
CA GLU C 174 -19.71 -6.70 28.01
C GLU C 174 -19.70 -6.69 29.54
N THR C 175 -18.89 -7.58 30.14
CA THR C 175 -18.79 -7.66 31.60
C THR C 175 -18.31 -6.31 32.12
N TYR C 176 -17.18 -5.85 31.59
CA TYR C 176 -16.61 -4.57 31.97
C TYR C 176 -17.68 -3.48 31.92
N CYS C 177 -18.40 -3.40 30.81
CA CYS C 177 -19.44 -2.40 30.64
C CYS C 177 -20.54 -2.50 31.68
N LYS C 178 -20.81 -3.72 32.13
CA LYS C 178 -21.85 -3.92 33.14
C LYS C 178 -21.35 -3.41 34.49
N GLN C 179 -20.06 -3.66 34.76
CA GLN C 179 -19.46 -3.24 36.01
C GLN C 179 -19.31 -1.72 36.11
N LYS C 180 -18.55 -1.13 35.21
CA LYS C 180 -18.31 0.32 35.24
C LYS C 180 -19.51 1.19 34.90
N TYR C 181 -20.41 0.71 34.03
CA TYR C 181 -21.57 1.52 33.67
C TYR C 181 -22.90 0.78 33.86
N PRO C 182 -23.20 0.38 35.10
CA PRO C 182 -24.45 -0.34 35.39
C PRO C 182 -25.72 0.42 35.00
N GLU C 183 -25.69 1.75 35.14
CA GLU C 183 -26.84 2.58 34.79
C GLU C 183 -27.15 2.49 33.28
N GLN C 184 -26.09 2.31 32.49
CA GLN C 184 -26.17 2.21 31.02
C GLN C 184 -26.13 0.72 30.61
N GLN C 185 -27.30 0.10 30.45
CA GLN C 185 -27.40 -1.31 30.07
C GLN C 185 -27.21 -1.60 28.58
N GLY C 186 -27.46 -0.59 27.75
CA GLY C 186 -27.32 -0.76 26.31
C GLY C 186 -25.99 -0.34 25.73
N ARG C 187 -25.06 0.11 26.59
CA ARG C 187 -23.74 0.57 26.16
C ARG C 187 -22.92 -0.48 25.39
N PHE C 188 -22.97 -1.72 25.84
CA PHE C 188 -22.23 -2.79 25.18
C PHE C 188 -22.64 -2.86 23.71
N ALA C 189 -23.93 -3.00 23.45
CA ALA C 189 -24.41 -3.06 22.07
C ALA C 189 -23.97 -1.80 21.36
N LYS C 190 -24.36 -0.66 21.93
CA LYS C 190 -24.01 0.63 21.40
C LYS C 190 -22.56 0.67 20.94
N LEU C 191 -21.66 0.11 21.74
CA LEU C 191 -20.25 0.10 21.36
C LEU C 191 -20.04 -0.73 20.09
N LEU C 192 -20.56 -1.95 20.10
CA LEU C 192 -20.41 -2.83 18.95
C LEU C 192 -20.95 -2.19 17.66
N LEU C 193 -22.02 -1.40 17.81
CA LEU C 193 -22.65 -0.77 16.65
C LEU C 193 -21.83 0.34 15.99
N ARG C 194 -20.61 0.55 16.49
CA ARG C 194 -19.73 1.53 15.90
C ARG C 194 -18.80 0.80 14.92
N LEU C 195 -18.79 -0.54 14.99
CA LEU C 195 -17.92 -1.32 14.11
C LEU C 195 -18.30 -1.20 12.64
N PRO C 196 -19.60 -1.24 12.31
CA PRO C 196 -19.91 -1.13 10.88
C PRO C 196 -19.47 0.22 10.30
N ALA C 197 -19.52 1.27 11.13
CA ALA C 197 -19.10 2.60 10.67
C ALA C 197 -17.58 2.58 10.42
N LEU C 198 -16.84 1.84 11.24
CA LEU C 198 -15.40 1.75 11.06
C LEU C 198 -15.12 0.93 9.78
N ARG C 199 -15.98 -0.05 9.51
CA ARG C 199 -15.82 -0.87 8.33
C ARG C 199 -15.94 0.01 7.10
N SER C 200 -17.10 0.65 6.92
CA SER C 200 -17.28 1.52 5.75
C SER C 200 -16.23 2.62 5.64
N ILE C 201 -16.05 3.40 6.71
CA ILE C 201 -15.05 4.45 6.65
C ILE C 201 -13.71 3.90 6.19
N GLY C 202 -13.33 2.75 6.74
CA GLY C 202 -12.05 2.13 6.37
C GLY C 202 -11.94 1.86 4.88
N LEU C 203 -12.96 1.22 4.29
CA LEU C 203 -12.95 0.94 2.85
C LEU C 203 -12.78 2.25 2.09
N LYS C 204 -13.52 3.27 2.51
CA LYS C 204 -13.43 4.56 1.88
C LYS C 204 -12.03 5.11 2.01
N CYS C 205 -11.44 4.94 3.19
CA CYS C 205 -10.09 5.43 3.41
C CYS C 205 -9.13 4.84 2.36
N LEU C 206 -9.12 3.51 2.26
CA LEU C 206 -8.24 2.85 1.30
C LEU C 206 -8.45 3.34 -0.12
N GLU C 207 -9.69 3.63 -0.48
CA GLU C 207 -9.98 4.12 -1.82
C GLU C 207 -9.30 5.45 -2.06
N HIS C 208 -9.48 6.40 -1.13
CA HIS C 208 -8.83 7.70 -1.29
C HIS C 208 -7.32 7.51 -1.32
N LEU C 209 -6.81 6.60 -0.48
CA LEU C 209 -5.37 6.30 -0.43
C LEU C 209 -4.82 5.87 -1.78
N PHE C 210 -5.59 5.06 -2.51
CA PHE C 210 -5.18 4.63 -3.84
C PHE C 210 -5.02 5.88 -4.70
N PHE C 211 -6.12 6.60 -4.81
CA PHE C 211 -6.17 7.82 -5.60
C PHE C 211 -4.98 8.72 -5.41
N PHE C 212 -4.71 9.12 -4.17
CA PHE C 212 -3.58 10.00 -3.93
C PHE C 212 -2.26 9.36 -4.26
N LYS C 213 -2.20 8.03 -4.07
CA LYS C 213 -0.99 7.27 -4.34
C LYS C 213 -0.81 7.22 -5.84
N LEU C 214 -1.94 7.28 -6.53
CA LEU C 214 -1.99 7.22 -7.98
C LEU C 214 -1.58 8.51 -8.67
N ILE C 215 -2.03 9.65 -8.17
CA ILE C 215 -1.66 10.92 -8.78
C ILE C 215 -0.55 11.67 -8.05
N GLY C 216 -0.03 11.10 -6.97
CA GLY C 216 1.03 11.74 -6.24
C GLY C 216 2.29 11.99 -7.07
N ASP C 217 2.99 13.09 -6.79
CA ASP C 217 4.22 13.38 -7.50
C ASP C 217 4.15 13.37 -9.02
N THR C 218 2.96 13.56 -9.56
CA THR C 218 2.77 13.63 -11.01
C THR C 218 2.21 15.05 -11.27
N PRO C 219 2.39 15.57 -12.50
CA PRO C 219 1.85 16.91 -12.73
C PRO C 219 0.38 16.96 -12.36
N ILE C 220 -0.28 15.80 -12.36
CA ILE C 220 -1.71 15.78 -12.01
C ILE C 220 -1.91 16.28 -10.59
N ASP C 221 -1.02 15.90 -9.69
CA ASP C 221 -1.14 16.32 -8.31
C ASP C 221 -0.99 17.84 -8.21
N THR C 222 -0.08 18.41 -9.00
CA THR C 222 0.15 19.85 -9.03
C THR C 222 -1.21 20.50 -9.33
N PHE C 223 -1.99 19.85 -10.21
CA PHE C 223 -3.32 20.32 -10.64
C PHE C 223 -4.33 20.61 -9.51
N LEU C 224 -4.30 19.80 -8.46
CA LEU C 224 -5.21 20.01 -7.35
C LEU C 224 -4.40 20.38 -6.11
N MET D 1 -41.61 -1.42 20.79
CA MET D 1 -40.82 -2.16 19.82
C MET D 1 -40.92 -3.66 20.02
N PRO D 2 -42.11 -4.23 19.84
CA PRO D 2 -42.22 -5.67 20.03
C PRO D 2 -41.59 -6.41 18.85
N VAL D 3 -40.74 -7.36 19.18
CA VAL D 3 -40.06 -8.16 18.16
C VAL D 3 -41.10 -8.91 17.31
N ASP D 4 -42.26 -9.23 17.89
CA ASP D 4 -43.31 -9.94 17.16
C ASP D 4 -43.79 -9.16 15.94
N ARG D 5 -43.99 -7.87 16.14
CA ARG D 5 -44.45 -7.00 15.06
C ARG D 5 -43.44 -6.97 13.92
N ILE D 6 -42.16 -7.15 14.23
CA ILE D 6 -41.13 -7.16 13.21
C ILE D 6 -41.18 -8.47 12.44
N LEU D 7 -41.23 -9.59 13.17
CA LEU D 7 -41.30 -10.89 12.52
C LEU D 7 -42.45 -10.91 11.54
N GLU D 8 -43.54 -10.24 11.88
CA GLU D 8 -44.68 -10.24 10.98
C GLU D 8 -44.42 -9.43 9.72
N ALA D 9 -43.59 -8.39 9.84
CA ALA D 9 -43.24 -7.56 8.70
C ALA D 9 -42.45 -8.41 7.71
N GLU D 10 -41.55 -9.23 8.23
CA GLU D 10 -40.74 -10.11 7.39
C GLU D 10 -41.66 -11.08 6.66
N LEU D 11 -42.47 -11.80 7.42
CA LEU D 11 -43.40 -12.76 6.85
C LEU D 11 -44.28 -12.10 5.80
N ALA D 12 -44.65 -10.85 6.05
CA ALA D 12 -45.52 -10.09 5.13
C ALA D 12 -45.00 -10.05 3.69
N VAL D 13 -43.72 -10.36 3.51
CA VAL D 13 -43.09 -10.39 2.19
C VAL D 13 -42.60 -11.79 1.82
N PRO D 37 -26.39 -14.93 -14.95
CA PRO D 37 -26.81 -14.73 -13.57
C PRO D 37 -26.97 -13.28 -13.09
N VAL D 38 -26.22 -12.34 -13.67
CA VAL D 38 -26.32 -10.95 -13.23
C VAL D 38 -27.69 -10.36 -13.62
N THR D 39 -28.21 -10.73 -14.79
CA THR D 39 -29.51 -10.22 -15.21
C THR D 39 -30.58 -10.74 -14.29
N ASN D 40 -30.46 -12.01 -13.91
CA ASN D 40 -31.43 -12.64 -13.01
C ASN D 40 -31.34 -12.06 -11.60
N ILE D 41 -30.12 -11.83 -11.12
CA ILE D 41 -29.93 -11.27 -9.80
C ILE D 41 -30.53 -9.87 -9.70
N CYS D 42 -30.26 -9.02 -10.70
CA CYS D 42 -30.78 -7.67 -10.70
C CYS D 42 -32.32 -7.65 -10.79
N GLN D 43 -32.90 -8.57 -11.54
CA GLN D 43 -34.35 -8.57 -11.61
C GLN D 43 -34.90 -9.02 -10.27
N ALA D 44 -34.14 -9.85 -9.58
CA ALA D 44 -34.53 -10.35 -8.27
C ALA D 44 -34.52 -9.15 -7.31
N ALA D 45 -33.43 -8.40 -7.33
CA ALA D 45 -33.34 -7.23 -6.47
C ALA D 45 -34.54 -6.34 -6.76
N ASP D 46 -34.84 -6.16 -8.04
CA ASP D 46 -35.97 -5.32 -8.42
C ASP D 46 -37.23 -5.78 -7.75
N LYS D 47 -37.58 -7.05 -7.92
CA LYS D 47 -38.79 -7.56 -7.32
C LYS D 47 -38.85 -7.19 -5.85
N GLN D 48 -37.71 -7.29 -5.17
CA GLN D 48 -37.65 -6.98 -3.75
C GLN D 48 -37.84 -5.50 -3.43
N LEU D 49 -37.37 -4.61 -4.30
CA LEU D 49 -37.51 -3.17 -4.08
C LEU D 49 -38.95 -2.73 -4.27
N PHE D 50 -39.65 -3.45 -5.14
CA PHE D 50 -41.04 -3.17 -5.46
C PHE D 50 -41.95 -3.14 -4.23
N THR D 51 -41.52 -3.80 -3.15
CA THR D 51 -42.33 -3.87 -1.94
C THR D 51 -41.54 -3.54 -0.66
N LEU D 52 -40.36 -2.95 -0.80
CA LEU D 52 -39.52 -2.63 0.34
C LEU D 52 -40.15 -1.55 1.22
N VAL D 53 -40.82 -0.59 0.61
CA VAL D 53 -41.46 0.48 1.37
C VAL D 53 -42.55 -0.15 2.24
N GLU D 54 -43.25 -1.14 1.68
CA GLU D 54 -44.29 -1.85 2.40
C GLU D 54 -43.70 -2.47 3.67
N TRP D 55 -42.58 -3.18 3.50
CA TRP D 55 -41.92 -3.81 4.63
C TRP D 55 -41.55 -2.78 5.68
N ALA D 56 -40.96 -1.68 5.26
CA ALA D 56 -40.53 -0.62 6.19
C ALA D 56 -41.71 -0.08 6.99
N LYS D 57 -42.81 0.18 6.28
CA LYS D 57 -44.03 0.70 6.88
C LYS D 57 -44.60 -0.22 7.97
N ARG D 58 -44.13 -1.45 8.00
CA ARG D 58 -44.58 -2.41 9.00
C ARG D 58 -43.72 -2.40 10.26
N ILE D 59 -42.57 -1.75 10.21
CA ILE D 59 -41.74 -1.69 11.41
C ILE D 59 -42.35 -0.68 12.37
N PRO D 60 -42.57 -1.09 13.63
CA PRO D 60 -43.13 -0.30 14.72
C PRO D 60 -43.30 1.23 14.58
N HIS D 61 -42.23 1.99 14.61
CA HIS D 61 -42.39 3.45 14.52
C HIS D 61 -41.84 4.13 13.27
N PHE D 62 -41.50 3.34 12.25
CA PHE D 62 -40.95 3.89 11.03
C PHE D 62 -41.86 4.92 10.38
N SER D 63 -43.15 4.61 10.35
CA SER D 63 -44.13 5.50 9.72
C SER D 63 -44.29 6.85 10.39
N SER D 64 -43.91 6.96 11.67
CA SER D 64 -44.03 8.22 12.40
C SER D 64 -42.88 9.18 12.13
N LEU D 65 -41.80 8.67 11.55
CA LEU D 65 -40.65 9.51 11.25
C LEU D 65 -41.03 10.42 10.08
N PRO D 66 -40.50 11.65 10.05
CA PRO D 66 -40.83 12.55 8.94
C PRO D 66 -40.69 11.79 7.63
N LEU D 67 -41.55 12.06 6.66
CA LEU D 67 -41.48 11.37 5.38
C LEU D 67 -40.08 11.47 4.78
N ASP D 68 -39.48 12.65 4.90
CA ASP D 68 -38.14 12.89 4.36
C ASP D 68 -37.10 12.00 5.01
N ASP D 69 -37.27 11.77 6.30
CA ASP D 69 -36.35 10.91 7.05
C ASP D 69 -36.56 9.45 6.63
N GLN D 70 -37.78 9.12 6.23
CA GLN D 70 -38.10 7.77 5.78
C GLN D 70 -37.42 7.43 4.46
N VAL D 71 -37.50 8.33 3.48
CA VAL D 71 -36.85 8.07 2.19
C VAL D 71 -35.35 7.96 2.43
N ILE D 72 -34.80 8.89 3.20
CA ILE D 72 -33.38 8.86 3.50
C ILE D 72 -32.93 7.54 4.11
N LEU D 73 -33.67 7.00 5.07
CA LEU D 73 -33.28 5.75 5.71
C LEU D 73 -33.30 4.62 4.70
N LEU D 74 -34.33 4.58 3.87
CA LEU D 74 -34.44 3.54 2.86
C LEU D 74 -33.35 3.63 1.78
N ARG D 75 -32.99 4.86 1.39
CA ARG D 75 -31.98 5.08 0.36
C ARG D 75 -30.64 4.56 0.83
N ALA D 76 -30.36 4.78 2.11
CA ALA D 76 -29.08 4.36 2.66
C ALA D 76 -29.01 2.88 3.00
N GLY D 77 -30.15 2.25 3.28
CA GLY D 77 -30.09 0.85 3.67
C GLY D 77 -30.66 -0.21 2.74
N TRP D 78 -31.26 0.21 1.62
CA TRP D 78 -31.86 -0.74 0.69
C TRP D 78 -31.02 -1.95 0.31
N ASN D 79 -29.74 -1.79 -0.03
CA ASN D 79 -29.01 -2.98 -0.44
C ASN D 79 -28.52 -3.89 0.70
N GLU D 80 -28.13 -3.30 1.84
CA GLU D 80 -27.73 -4.12 2.98
C GLU D 80 -28.98 -4.91 3.36
N LEU D 81 -30.10 -4.22 3.46
CA LEU D 81 -31.36 -4.86 3.77
C LEU D 81 -31.59 -6.06 2.87
N LEU D 82 -31.61 -5.82 1.55
CA LEU D 82 -31.85 -6.90 0.59
C LEU D 82 -30.79 -8.00 0.70
N ILE D 83 -29.53 -7.61 0.85
CA ILE D 83 -28.45 -8.58 0.97
C ILE D 83 -28.67 -9.50 2.16
N ALA D 84 -29.27 -8.97 3.23
CA ALA D 84 -29.52 -9.77 4.43
C ALA D 84 -30.71 -10.69 4.21
N SER D 85 -31.68 -10.21 3.46
CA SER D 85 -32.87 -10.99 3.17
C SER D 85 -32.53 -12.19 2.29
N PHE D 86 -31.86 -11.97 1.15
CA PHE D 86 -31.55 -13.09 0.28
C PHE D 86 -30.52 -14.04 0.89
N SER D 87 -29.63 -13.51 1.73
CA SER D 87 -28.63 -14.38 2.37
C SER D 87 -29.33 -15.41 3.26
N HIS D 88 -30.19 -14.91 4.14
CA HIS D 88 -30.91 -15.78 5.05
C HIS D 88 -31.75 -16.78 4.27
N ARG D 89 -32.52 -16.29 3.30
CA ARG D 89 -33.36 -17.15 2.48
C ARG D 89 -32.55 -18.27 1.79
N SER D 90 -31.24 -18.10 1.70
CA SER D 90 -30.39 -19.08 1.03
C SER D 90 -29.70 -20.10 1.94
N ILE D 91 -30.08 -20.12 3.21
CA ILE D 91 -29.48 -21.04 4.17
C ILE D 91 -29.47 -22.52 3.77
N ASP D 92 -30.44 -22.94 2.97
CA ASP D 92 -30.52 -24.34 2.58
C ASP D 92 -30.18 -24.56 1.11
N VAL D 93 -29.29 -23.74 0.56
CA VAL D 93 -28.91 -23.90 -0.82
C VAL D 93 -27.48 -24.38 -0.92
N ARG D 94 -27.26 -25.42 -1.72
CA ARG D 94 -25.93 -25.97 -1.89
C ARG D 94 -25.05 -24.96 -2.62
N ASP D 95 -24.06 -24.43 -1.91
CA ASP D 95 -23.15 -23.44 -2.47
C ASP D 95 -23.83 -22.49 -3.46
N GLY D 96 -24.85 -21.80 -2.99
CA GLY D 96 -25.55 -20.88 -3.87
C GLY D 96 -26.45 -19.93 -3.16
N ILE D 97 -27.17 -19.15 -3.96
CA ILE D 97 -28.08 -18.17 -3.44
C ILE D 97 -29.47 -18.44 -3.99
N LEU D 98 -30.49 -18.18 -3.17
CA LEU D 98 -31.87 -18.39 -3.61
C LEU D 98 -32.51 -17.03 -3.80
N LEU D 99 -32.57 -16.60 -5.06
CA LEU D 99 -33.14 -15.31 -5.42
C LEU D 99 -34.60 -15.17 -5.00
N ALA D 100 -35.05 -13.93 -4.87
CA ALA D 100 -36.42 -13.66 -4.48
C ALA D 100 -37.34 -14.09 -5.63
N THR D 101 -36.71 -14.48 -6.72
CA THR D 101 -37.42 -14.87 -7.91
C THR D 101 -37.67 -16.38 -7.99
N GLY D 102 -37.10 -17.12 -7.04
CA GLY D 102 -37.27 -18.56 -7.05
C GLY D 102 -36.07 -19.27 -7.66
N LEU D 103 -35.36 -18.61 -8.58
CA LEU D 103 -34.20 -19.18 -9.24
C LEU D 103 -32.97 -19.27 -8.31
N HIS D 104 -32.03 -20.12 -8.69
CA HIS D 104 -30.80 -20.31 -7.94
C HIS D 104 -29.67 -19.70 -8.75
N VAL D 105 -28.55 -19.46 -8.07
CA VAL D 105 -27.35 -18.94 -8.71
C VAL D 105 -26.30 -19.65 -7.87
N HIS D 106 -25.49 -20.48 -8.50
CA HIS D 106 -24.48 -21.22 -7.76
C HIS D 106 -23.09 -20.68 -7.95
N ARG D 107 -22.27 -20.91 -6.93
CA ARG D 107 -20.90 -20.46 -6.90
C ARG D 107 -20.22 -20.46 -8.27
N ASN D 108 -20.54 -21.46 -9.09
CA ASN D 108 -19.94 -21.57 -10.41
C ASN D 108 -20.38 -20.48 -11.40
N SER D 109 -21.69 -20.29 -11.54
CA SER D 109 -22.22 -19.27 -12.44
C SER D 109 -21.65 -17.90 -12.04
N ALA D 110 -21.63 -17.64 -10.73
CA ALA D 110 -21.14 -16.38 -10.22
C ALA D 110 -19.70 -16.13 -10.65
N HIS D 111 -18.84 -17.13 -10.47
CA HIS D 111 -17.45 -16.96 -10.88
C HIS D 111 -17.39 -16.73 -12.39
N SER D 112 -18.16 -17.51 -13.12
CA SER D 112 -18.19 -17.39 -14.56
C SER D 112 -18.66 -16.00 -14.97
N ALA D 113 -19.54 -15.40 -14.17
CA ALA D 113 -20.06 -14.08 -14.48
C ALA D 113 -19.16 -12.94 -14.04
N GLY D 114 -18.06 -13.25 -13.36
CA GLY D 114 -17.14 -12.22 -12.94
C GLY D 114 -17.41 -11.65 -11.56
N VAL D 115 -18.40 -12.20 -10.87
CA VAL D 115 -18.74 -11.72 -9.53
C VAL D 115 -18.38 -12.80 -8.51
N GLY D 116 -17.34 -13.57 -8.80
CA GLY D 116 -16.90 -14.63 -7.92
C GLY D 116 -16.45 -14.24 -6.53
N ALA D 117 -15.48 -13.33 -6.44
CA ALA D 117 -14.97 -12.90 -5.13
C ALA D 117 -16.03 -12.44 -4.14
N ILE D 118 -16.91 -11.54 -4.55
CA ILE D 118 -17.94 -11.04 -3.63
C ILE D 118 -18.97 -12.11 -3.35
N PHE D 119 -19.23 -12.96 -4.33
CA PHE D 119 -20.20 -14.02 -4.17
C PHE D 119 -19.72 -14.96 -3.06
N ASP D 120 -18.40 -15.18 -3.00
CA ASP D 120 -17.83 -16.04 -1.96
C ASP D 120 -17.98 -15.38 -0.60
N ARG D 121 -17.91 -14.05 -0.55
CA ARG D 121 -18.05 -13.33 0.72
C ARG D 121 -19.48 -13.54 1.21
N VAL D 122 -20.42 -13.49 0.28
CA VAL D 122 -21.81 -13.69 0.66
C VAL D 122 -21.98 -15.06 1.34
N LEU D 123 -21.55 -16.13 0.66
CA LEU D 123 -21.67 -17.49 1.20
C LEU D 123 -20.87 -17.70 2.50
N THR D 124 -19.61 -17.27 2.48
CA THR D 124 -18.73 -17.42 3.63
C THR D 124 -19.08 -16.57 4.83
N GLU D 125 -19.22 -15.26 4.61
CA GLU D 125 -19.51 -14.31 5.68
C GLU D 125 -20.96 -14.19 6.10
N LEU D 126 -21.90 -14.44 5.20
CA LEU D 126 -23.30 -14.28 5.57
C LEU D 126 -24.11 -15.56 5.61
N VAL D 127 -24.28 -16.20 4.46
CA VAL D 127 -25.08 -17.43 4.36
C VAL D 127 -24.65 -18.53 5.30
N SER D 128 -23.44 -19.05 5.13
CA SER D 128 -22.95 -20.14 5.96
C SER D 128 -22.96 -19.78 7.44
N LYS D 129 -22.59 -18.55 7.78
CA LYS D 129 -22.59 -18.18 9.19
C LYS D 129 -24.00 -17.99 9.75
N MET D 130 -24.95 -17.62 8.89
CA MET D 130 -26.32 -17.49 9.38
C MET D 130 -26.86 -18.90 9.53
N ARG D 131 -26.32 -19.83 8.74
CA ARG D 131 -26.75 -21.23 8.79
C ARG D 131 -26.23 -21.98 10.01
N ASP D 132 -24.97 -21.76 10.37
CA ASP D 132 -24.42 -22.43 11.54
C ASP D 132 -25.10 -22.00 12.83
N MET D 133 -25.45 -20.72 12.94
CA MET D 133 -26.13 -20.20 14.12
C MET D 133 -27.59 -20.58 14.16
N ARG D 134 -28.12 -20.99 13.02
CA ARG D 134 -29.54 -21.33 12.90
C ARG D 134 -30.26 -20.03 13.23
N MET D 135 -29.86 -18.96 12.55
CA MET D 135 -30.43 -17.62 12.74
C MET D 135 -31.90 -17.58 12.30
N ASP D 136 -32.82 -17.38 13.26
CA ASP D 136 -34.24 -17.34 12.92
C ASP D 136 -34.73 -16.02 12.31
N LYS D 137 -35.93 -16.05 11.74
CA LYS D 137 -36.55 -14.89 11.10
C LYS D 137 -36.65 -13.69 12.03
N THR D 138 -37.13 -13.93 13.24
CA THR D 138 -37.26 -12.88 14.23
C THR D 138 -35.93 -12.14 14.36
N GLU D 139 -34.85 -12.90 14.47
CA GLU D 139 -33.51 -12.32 14.60
C GLU D 139 -33.09 -11.58 13.33
N LEU D 140 -33.42 -12.15 12.17
CA LEU D 140 -33.10 -11.52 10.90
C LEU D 140 -33.81 -10.17 10.85
N GLY D 141 -35.13 -10.21 10.99
CA GLY D 141 -35.93 -9.00 10.94
C GLY D 141 -35.33 -7.89 11.78
N CYS D 142 -34.91 -8.24 13.00
CA CYS D 142 -34.34 -7.26 13.90
C CYS D 142 -33.10 -6.66 13.27
N LEU D 143 -32.16 -7.50 12.87
CA LEU D 143 -30.95 -6.99 12.26
C LEU D 143 -31.35 -6.03 11.16
N ARG D 144 -32.34 -6.41 10.34
CA ARG D 144 -32.82 -5.53 9.28
C ARG D 144 -33.32 -4.22 9.89
N ALA D 145 -34.32 -4.32 10.77
CA ALA D 145 -34.88 -3.16 11.45
C ALA D 145 -33.75 -2.25 11.96
N ILE D 146 -32.70 -2.87 12.49
CA ILE D 146 -31.56 -2.11 12.99
C ILE D 146 -30.85 -1.35 11.88
N ILE D 147 -30.52 -2.04 10.79
CA ILE D 147 -29.85 -1.37 9.68
C ILE D 147 -30.76 -0.27 9.15
N LEU D 148 -32.07 -0.50 9.17
CA LEU D 148 -33.02 0.49 8.69
C LEU D 148 -32.93 1.78 9.52
N PHE D 149 -32.92 1.65 10.86
CA PHE D 149 -32.81 2.82 11.74
C PHE D 149 -31.35 3.14 11.90
N ASN D 150 -30.77 3.73 10.84
CA ASN D 150 -29.36 4.09 10.82
C ASN D 150 -29.18 5.58 11.02
N PRO D 151 -28.68 5.98 12.21
CA PRO D 151 -28.45 7.39 12.55
C PRO D 151 -27.36 8.05 11.70
N ASP D 152 -26.53 7.23 11.07
CA ASP D 152 -25.48 7.79 10.25
C ASP D 152 -26.02 8.22 8.90
N ALA D 153 -27.27 7.89 8.61
CA ALA D 153 -27.89 8.26 7.34
C ALA D 153 -27.78 9.79 7.15
N LYS D 154 -27.12 10.21 6.08
CA LYS D 154 -26.94 11.62 5.81
C LYS D 154 -28.21 12.39 5.50
N GLY D 155 -28.38 13.52 6.18
CA GLY D 155 -29.53 14.39 5.96
C GLY D 155 -30.77 14.13 6.80
N LEU D 156 -30.68 13.27 7.80
CA LEU D 156 -31.84 12.98 8.64
C LEU D 156 -32.19 14.24 9.39
N SER D 157 -33.48 14.56 9.53
CA SER D 157 -33.80 15.77 10.28
C SER D 157 -33.51 15.54 11.77
N ASN D 158 -34.07 14.50 12.35
CA ASN D 158 -33.81 14.20 13.76
C ASN D 158 -33.09 12.86 13.93
N PRO D 159 -31.74 12.91 13.96
CA PRO D 159 -30.87 11.74 14.11
C PRO D 159 -31.02 11.01 15.46
N SER D 160 -31.06 11.79 16.54
CA SER D 160 -31.19 11.21 17.87
C SER D 160 -32.46 10.37 17.94
N GLU D 161 -33.49 10.85 17.25
CA GLU D 161 -34.78 10.15 17.20
C GLU D 161 -34.53 8.76 16.61
N VAL D 162 -33.86 8.73 15.46
CA VAL D 162 -33.53 7.48 14.78
C VAL D 162 -32.65 6.60 15.68
N GLU D 163 -31.64 7.21 16.29
CA GLU D 163 -30.78 6.47 17.18
C GLU D 163 -31.63 5.76 18.23
N VAL D 164 -32.56 6.50 18.82
CA VAL D 164 -33.45 5.95 19.84
C VAL D 164 -34.23 4.72 19.38
N LEU D 165 -34.72 4.76 18.15
CA LEU D 165 -35.48 3.63 17.62
C LEU D 165 -34.64 2.40 17.38
N ARG D 166 -33.36 2.56 17.10
CA ARG D 166 -32.55 1.38 16.88
C ARG D 166 -32.11 0.73 18.20
N GLU D 167 -31.88 1.54 19.22
CA GLU D 167 -31.48 0.98 20.50
C GLU D 167 -32.67 0.26 21.12
N LYS D 168 -33.87 0.61 20.67
CA LYS D 168 -35.08 -0.04 21.16
C LYS D 168 -35.13 -1.42 20.52
N VAL D 169 -34.82 -1.46 19.22
CA VAL D 169 -34.83 -2.70 18.45
C VAL D 169 -33.85 -3.70 19.03
N TYR D 170 -32.59 -3.29 19.21
CA TYR D 170 -31.61 -4.22 19.75
C TYR D 170 -31.80 -4.51 21.24
N ALA D 171 -32.70 -3.76 21.86
CA ALA D 171 -33.00 -4.00 23.26
C ALA D 171 -33.95 -5.19 23.23
N SER D 172 -35.02 -5.08 22.45
CA SER D 172 -35.96 -6.18 22.35
C SER D 172 -35.25 -7.41 21.84
N LEU D 173 -34.35 -7.20 20.88
CA LEU D 173 -33.59 -8.28 20.26
C LEU D 173 -32.74 -9.04 21.26
N GLU D 174 -32.03 -8.32 22.12
CA GLU D 174 -31.19 -8.95 23.14
C GLU D 174 -32.07 -9.74 24.11
N THR D 175 -33.22 -9.17 24.46
CA THR D 175 -34.16 -9.82 25.33
C THR D 175 -34.60 -11.13 24.70
N TYR D 176 -35.09 -11.04 23.47
CA TYR D 176 -35.54 -12.20 22.72
C TYR D 176 -34.47 -13.29 22.76
N CYS D 177 -33.24 -12.92 22.42
CA CYS D 177 -32.13 -13.88 22.42
C CYS D 177 -31.87 -14.53 23.79
N LYS D 178 -32.16 -13.79 24.85
CA LYS D 178 -31.98 -14.31 26.20
C LYS D 178 -33.07 -15.33 26.49
N GLN D 179 -34.29 -15.03 26.05
CA GLN D 179 -35.41 -15.90 26.26
C GLN D 179 -35.30 -17.21 25.48
N LYS D 180 -35.30 -17.11 24.15
CA LYS D 180 -35.23 -18.28 23.28
C LYS D 180 -33.93 -19.07 23.33
N TYR D 181 -32.81 -18.40 23.56
CA TYR D 181 -31.53 -19.10 23.61
C TYR D 181 -30.71 -18.83 24.87
N PRO D 182 -31.26 -19.17 26.05
CA PRO D 182 -30.57 -18.95 27.33
C PRO D 182 -29.20 -19.62 27.43
N GLU D 183 -29.07 -20.78 26.82
CA GLU D 183 -27.80 -21.51 26.83
C GLU D 183 -26.69 -20.73 26.09
N GLN D 184 -27.09 -19.96 25.08
CA GLN D 184 -26.12 -19.15 24.32
C GLN D 184 -26.24 -17.68 24.71
N GLN D 185 -25.38 -17.27 25.63
CA GLN D 185 -25.35 -15.91 26.18
C GLN D 185 -24.64 -14.90 25.27
N GLY D 186 -23.79 -15.39 24.37
CA GLY D 186 -23.07 -14.50 23.48
C GLY D 186 -23.72 -14.31 22.11
N ARG D 187 -24.87 -14.94 21.89
CA ARG D 187 -25.57 -14.86 20.62
C ARG D 187 -25.96 -13.44 20.19
N PHE D 188 -26.42 -12.63 21.13
CA PHE D 188 -26.81 -11.26 20.83
C PHE D 188 -25.65 -10.53 20.16
N ALA D 189 -24.49 -10.53 20.82
CA ALA D 189 -23.32 -9.85 20.27
C ALA D 189 -23.02 -10.47 18.92
N LYS D 190 -22.85 -11.79 18.94
CA LYS D 190 -22.56 -12.55 17.74
C LYS D 190 -23.45 -12.08 16.59
N LEU D 191 -24.72 -11.84 16.85
CA LEU D 191 -25.62 -11.39 15.79
C LEU D 191 -25.19 -10.01 15.28
N LEU D 192 -25.01 -9.08 16.21
CA LEU D 192 -24.61 -7.73 15.85
C LEU D 192 -23.33 -7.70 15.03
N LEU D 193 -22.42 -8.63 15.33
CA LEU D 193 -21.13 -8.69 14.65
C LEU D 193 -21.19 -9.14 13.19
N ARG D 194 -22.41 -9.34 12.70
CA ARG D 194 -22.60 -9.71 11.30
C ARG D 194 -22.88 -8.43 10.51
N LEU D 195 -23.17 -7.34 11.22
CA LEU D 195 -23.48 -6.08 10.57
C LEU D 195 -22.30 -5.48 9.81
N PRO D 196 -21.09 -5.54 10.38
CA PRO D 196 -19.99 -4.96 9.59
C PRO D 196 -19.76 -5.72 8.29
N ALA D 197 -20.02 -7.02 8.29
CA ALA D 197 -19.84 -7.82 7.09
C ALA D 197 -20.89 -7.40 6.04
N LEU D 198 -22.09 -7.06 6.51
CA LEU D 198 -23.13 -6.62 5.60
C LEU D 198 -22.76 -5.24 5.04
N ARG D 199 -22.09 -4.44 5.87
CA ARG D 199 -21.69 -3.11 5.45
C ARG D 199 -20.71 -3.26 4.30
N SER D 200 -19.56 -3.89 4.55
CA SER D 200 -18.58 -4.05 3.47
C SER D 200 -19.16 -4.76 2.23
N ILE D 201 -19.78 -5.93 2.39
CA ILE D 201 -20.34 -6.60 1.24
C ILE D 201 -21.24 -5.66 0.44
N GLY D 202 -22.08 -4.90 1.14
CA GLY D 202 -22.98 -3.96 0.48
C GLY D 202 -22.24 -2.95 -0.39
N LEU D 203 -21.20 -2.31 0.17
CA LEU D 203 -20.45 -1.32 -0.61
C LEU D 203 -19.89 -2.01 -1.84
N LYS D 204 -19.37 -3.22 -1.66
CA LYS D 204 -18.82 -3.97 -2.77
C LYS D 204 -19.91 -4.22 -3.81
N CYS D 205 -21.09 -4.59 -3.32
CA CYS D 205 -22.21 -4.85 -4.21
C CYS D 205 -22.47 -3.66 -5.14
N LEU D 206 -22.67 -2.49 -4.54
CA LEU D 206 -22.91 -1.28 -5.31
C LEU D 206 -21.81 -1.00 -6.34
N GLU D 207 -20.56 -1.29 -5.98
CA GLU D 207 -19.48 -1.06 -6.91
C GLU D 207 -19.62 -1.94 -8.15
N HIS D 208 -19.86 -3.24 -7.94
CA HIS D 208 -20.05 -4.15 -9.06
C HIS D 208 -21.26 -3.69 -9.88
N LEU D 209 -22.31 -3.26 -9.18
CA LEU D 209 -23.53 -2.78 -9.83
C LEU D 209 -23.25 -1.62 -10.78
N PHE D 210 -22.36 -0.72 -10.39
CA PHE D 210 -22.00 0.39 -11.26
C PHE D 210 -21.40 -0.19 -12.52
N PHE D 211 -20.32 -0.93 -12.32
CA PHE D 211 -19.60 -1.57 -13.41
C PHE D 211 -20.49 -2.22 -14.45
N PHE D 212 -21.37 -3.11 -14.02
CA PHE D 212 -22.24 -3.79 -14.97
C PHE D 212 -23.20 -2.82 -15.64
N LYS D 213 -23.60 -1.80 -14.88
CA LYS D 213 -24.53 -0.80 -15.38
C LYS D 213 -23.81 0.07 -16.39
N LEU D 214 -22.50 0.16 -16.21
CA LEU D 214 -21.69 0.97 -17.08
C LEU D 214 -21.34 0.28 -18.38
N ILE D 215 -21.08 -1.03 -18.35
CA ILE D 215 -20.76 -1.75 -19.58
C ILE D 215 -21.91 -2.52 -20.19
N GLY D 216 -23.06 -2.51 -19.52
CA GLY D 216 -24.22 -3.22 -20.03
C GLY D 216 -24.66 -2.75 -21.41
N ASP D 217 -25.23 -3.69 -22.18
CA ASP D 217 -25.73 -3.42 -23.53
C ASP D 217 -24.78 -2.66 -24.44
N THR D 218 -23.49 -2.78 -24.21
CA THR D 218 -22.51 -2.10 -25.05
C THR D 218 -21.64 -3.22 -25.57
N PRO D 219 -20.98 -3.01 -26.73
CA PRO D 219 -20.14 -4.08 -27.26
C PRO D 219 -19.19 -4.61 -26.18
N ILE D 220 -18.87 -3.76 -25.22
CA ILE D 220 -17.99 -4.15 -24.12
C ILE D 220 -18.55 -5.35 -23.37
N ASP D 221 -19.85 -5.36 -23.10
CA ASP D 221 -20.43 -6.47 -22.37
C ASP D 221 -20.34 -7.75 -23.17
N THR D 222 -20.52 -7.63 -24.49
CA THR D 222 -20.43 -8.76 -25.41
C THR D 222 -19.06 -9.41 -25.21
N PHE D 223 -18.02 -8.57 -25.28
CA PHE D 223 -16.62 -9.00 -25.14
C PHE D 223 -16.31 -9.72 -23.82
N LEU D 224 -17.22 -9.62 -22.87
CA LEU D 224 -17.05 -10.26 -21.58
C LEU D 224 -18.36 -10.92 -21.13
C1 LG2 E . 7.20 -8.62 -6.81
C2 LG2 E . 7.87 -8.40 -5.55
C3 LG2 E . 7.16 -8.09 -4.33
C4 LG2 E . 5.69 -8.02 -4.37
C5 LG2 E . 5.02 -8.25 -5.63
C6 LG2 E . 5.74 -8.55 -6.85
C7 LG2 E . 4.97 -8.79 -8.16
C8 LG2 E . 5.88 -9.56 -9.17
C9 LG2 E . 7.18 -8.76 -9.33
C10 LG2 E . 8.02 -8.94 -8.08
C11 LG2 E . 8.02 -7.89 -3.12
C12 LG2 E . 8.36 -9.12 -2.35
N13 LG2 E . 7.61 -10.27 -2.55
C14 LG2 E . 7.92 -11.43 -1.90
C15 LG2 E . 9.02 -11.49 -0.99
C16 LG2 E . 9.80 -10.33 -0.76
C17 LG2 E . 9.47 -9.13 -1.45
C18 LG2 E . 9.39 -12.79 -0.28
O19 LG2 E . 10.37 -12.81 0.46
O20 LG2 E . 8.68 -13.92 -0.49
C21 LG2 E . 7.65 -6.73 -2.23
C22 LG2 E . 8.92 -6.69 -3.07
C23 LG2 E . 4.56 -7.43 -8.75
C24 LG2 E . 3.69 -9.61 -7.95
C25 LG2 E . 8.51 -10.38 -8.01
C26 LG2 E . 9.29 -8.10 -8.24
C27 LG2 E . 4.84 -7.72 -3.16
NI NI F . 9.95 -25.32 -7.88
CL CL G . 8.05 -25.73 -8.17
C1 LG2 H . 13.12 16.12 -17.75
C2 LG2 H . 14.33 15.70 -18.37
C3 LG2 H . 14.46 15.47 -19.78
C4 LG2 H . 13.26 15.66 -20.63
C5 LG2 H . 12.01 16.08 -20.00
C6 LG2 H . 11.92 16.30 -18.58
C7 LG2 H . 10.59 16.75 -17.95
C8 LG2 H . 10.84 17.34 -16.52
C9 LG2 H . 11.64 16.32 -15.71
C10 LG2 H . 13.08 16.35 -16.24
C11 LG2 H . 15.84 15.05 -20.23
C12 LG2 H . 16.79 16.14 -20.57
N13 LG2 H . 16.37 17.45 -20.45
C14 LG2 H . 17.23 18.49 -20.74
C15 LG2 H . 18.58 18.25 -21.15
C16 LG2 H . 19.04 16.89 -21.29
C17 LG2 H . 18.12 15.83 -20.99
C18 LG2 H . 19.54 19.40 -21.46
O19 LG2 H . 20.70 19.17 -21.80
O20 LG2 H . 19.12 20.67 -21.34
C21 LG2 H . 15.86 13.93 -21.26
C22 LG2 H . 16.35 13.69 -19.87
C23 LG2 H . 9.66 15.52 -17.86
C24 LG2 H . 9.84 17.82 -18.77
C25 LG2 H . 13.71 17.71 -15.94
C26 LG2 H . 13.89 15.31 -15.46
C27 LG2 H . 13.25 15.47 -22.12
NI NI I . 18.39 31.92 -14.45
CL CL J . 16.62 32.78 -15.06
C1 LG2 K . -7.22 8.90 6.36
C2 LG2 K . -6.77 7.94 7.35
C3 LG2 K . -5.50 7.28 7.28
C4 LG2 K . -4.60 7.58 6.14
C5 LG2 K . -5.06 8.53 5.15
C6 LG2 K . -6.35 9.20 5.23
C7 LG2 K . -6.78 10.22 4.14
C8 LG2 K . -7.91 11.13 4.66
C9 LG2 K . -9.04 10.22 5.18
C10 LG2 K . -8.59 9.57 6.52
C11 LG2 K . -5.21 6.34 8.40
C12 LG2 K . -4.54 6.96 9.60
N13 LG2 K . -4.21 8.30 9.56
C14 LG2 K . -3.65 8.91 10.64
C15 LG2 K . -3.37 8.20 11.86
C16 LG2 K . -3.67 6.80 11.94
C17 LG2 K . -4.28 6.17 10.80
C18 LG2 K . -2.74 8.91 13.05
O19 LG2 K . -2.51 8.31 14.09
O20 LG2 K . -2.45 10.23 12.98
C21 LG2 K . -4.60 5.02 8.00
C22 LG2 K . -6.01 5.07 8.53
C23 LG2 K . -7.30 9.45 2.91
C24 LG2 K . -5.63 11.12 3.67
C25 LG2 K . -8.44 10.66 7.59
C26 LG2 K . -9.69 8.62 6.97
C27 LG2 K . -3.24 6.97 5.95
NI NI L . -6.10 22.51 16.44
C1 LG2 M . -25.43 -8.83 -5.75
C2 LG2 M . -26.59 -8.45 -4.98
C3 LG2 M . -27.60 -7.60 -5.48
C4 LG2 M . -27.46 -7.07 -6.89
C5 LG2 M . -26.30 -7.45 -7.65
C6 LG2 M . -25.28 -8.33 -7.11
C7 LG2 M . -24.07 -8.71 -7.96
C8 LG2 M . -23.39 -9.98 -7.42
C9 LG2 M . -23.06 -9.74 -5.94
C10 LG2 M . -24.39 -9.79 -5.14
C11 LG2 M . -28.74 -7.33 -4.51
C12 LG2 M . -29.83 -8.35 -4.43
N13 LG2 M . -29.71 -9.51 -5.16
C14 LG2 M . -30.69 -10.48 -5.08
C15 LG2 M . -31.86 -10.32 -4.25
C16 LG2 M . -32.01 -9.11 -3.50
C17 LG2 M . -30.99 -8.13 -3.59
C18 LG2 M . -32.95 -11.42 -4.16
O19 LG2 M . -33.94 -11.27 -3.46
O20 LG2 M . -32.81 -12.55 -4.86
C21 LG2 M . -29.28 -5.92 -4.51
C22 LG2 M . -28.49 -6.43 -3.34
C23 LG2 M . -23.07 -7.55 -7.96
C24 LG2 M . -24.44 -8.99 -9.43
C25 LG2 M . -24.95 -11.22 -5.19
C26 LG2 M . -24.05 -9.48 -3.66
C27 LG2 M . -28.47 -6.16 -7.57
NI NI N . -29.82 -25.09 -7.00
#